data_7WSU
#
_entry.id   7WSU
#
_cell.length_a   1.00
_cell.length_b   1.00
_cell.length_c   1.00
_cell.angle_alpha   90.00
_cell.angle_beta   90.00
_cell.angle_gamma   90.00
#
_symmetry.space_group_name_H-M   'P 1'
#
loop_
_entity.id
_entity.type
_entity.pdbx_description
1 polymer 'Iron-phytosiderophore transporter'
2 non-polymer 'CHOLESTEROL HEMISUCCINATE'
3 non-polymer 'FE (III) ION'
4 non-polymer '(2~{S})-1-[(3~{S})-3-[[(3~{S})-3,4-bis(oxidanyl)-4-oxidanylidene-butyl]amino]-4-oxidanyl-4-oxidanylidene-butyl]pyrrolidine-2-carboxylic acid'
#
_entity_poly.entity_id   1
_entity_poly.type   'polypeptide(L)'
_entity_poly.pdbx_seq_one_letter_code
;MDIVAPDRTRIAPEIDRDEALEGDRESDPALASTREWQLEDMPRWQDELTVRGLVAALLIGFIYTVIVMKIALTTGLVPT
LNVSAALLSFLALRGWTRLLERFGVVSRPFTRQENTIVQTCGVACYTIAFAGGFGSTLLGLNKKTYELAGDSPGNVPGSW
KEPGIGWMTGFLLACSFGGLLTLIPLRQVLVVDYKLVYPSGTATAILINGFHTDQGDKNSRKQIRGFLKYFGGSFLWSFF
QWFYTGGDACGFVQFPTFGLKAWKQTFYFDFSMTYVGAGMICPHIVNISTLLGAIISWGIMWPLISKNKGDWYPAKVPES
SMKSLYGYKAFICIALIMGDGMYHFIKIVGITAMSMYRQFSHKQVNNKAKNADDTVSLEELHRQEIFKRGHIPSWMAYAG
YALFSVLAVVTIPVMFKQVKWYYVVIAYVVAPMLGFANSYGTGLTDINMGYNYGKIALFVFAGWAGKENGVIAGLVAGTL
VKQLVLISADLMQDFKTSYLTQTSPKSMMIAQVVGTAMGCIVSPLTFMLFYKAFDIGNPDGTWKAPYALIYRNMAILGVE
GFSVLPKYCIVISGGFFAFAAILSITRDVMPHKYAKYVPLPMAMAVPFLVGGSFAIDMCLGSLIVFAWTKINKKEAGFMV
PAVASALICGDGIWTFPASILALAKIKPPICMKFLPAATSAAHHHHHHHH
;
_entity_poly.pdbx_strand_id   A,B
#
loop_
_chem_comp.id
_chem_comp.type
_chem_comp.name
_chem_comp.formula
5ZS non-polymer '(2~{S})-1-[(3~{S})-3-[[(3~{S})-3,4-bis(oxidanyl)-4-oxidanylidene-butyl]amino]-4-oxidanyl-4-oxidanylidene-butyl]pyrrolidine-2-carboxylic acid' 'C13 H22 N2 O7'
FE non-polymer 'FE (III) ION' 'Fe 3'
Y01 non-polymer 'CHOLESTEROL HEMISUCCINATE' 'C31 H50 O4'
#
# COMPACT_ATOMS: atom_id res chain seq x y z
N TRP A 45 -17.77 -42.47 14.49
CA TRP A 45 -17.73 -42.41 15.95
C TRP A 45 -16.38 -42.89 16.46
N GLN A 46 -15.83 -43.91 15.80
CA GLN A 46 -14.46 -44.35 16.05
C GLN A 46 -13.67 -44.19 14.77
N ASP A 47 -12.38 -44.53 14.86
CA ASP A 47 -11.33 -44.31 13.85
C ASP A 47 -10.98 -42.84 13.78
N GLU A 48 -11.69 -41.97 14.52
CA GLU A 48 -11.38 -40.56 14.61
C GLU A 48 -10.82 -40.16 15.96
N LEU A 49 -11.07 -40.94 17.01
CA LEU A 49 -10.53 -40.72 18.34
C LEU A 49 -9.34 -41.66 18.52
N THR A 50 -8.13 -41.08 18.53
CA THR A 50 -6.91 -41.87 18.60
C THR A 50 -6.06 -41.39 19.77
N VAL A 51 -5.18 -42.28 20.24
CA VAL A 51 -4.28 -41.93 21.33
C VAL A 51 -3.27 -40.88 20.88
N ARG A 52 -2.78 -40.99 19.65
CA ARG A 52 -1.85 -39.98 19.13
C ARG A 52 -2.56 -38.64 19.00
N GLY A 53 -3.84 -38.64 18.64
CA GLY A 53 -4.59 -37.41 18.59
C GLY A 53 -4.75 -36.75 19.95
N LEU A 54 -4.97 -37.57 20.99
CA LEU A 54 -5.06 -37.03 22.34
C LEU A 54 -3.75 -36.37 22.77
N VAL A 55 -2.62 -37.02 22.48
CA VAL A 55 -1.33 -36.45 22.81
C VAL A 55 -1.08 -35.17 22.01
N ALA A 56 -1.41 -35.20 20.71
CA ALA A 56 -1.21 -34.02 19.87
C ALA A 56 -2.08 -32.87 20.34
N ALA A 57 -3.35 -33.15 20.68
CA ALA A 57 -4.24 -32.09 21.15
C ALA A 57 -3.78 -31.55 22.50
N LEU A 58 -3.28 -32.42 23.38
CA LEU A 58 -2.81 -31.96 24.67
C LEU A 58 -1.61 -31.03 24.53
N LEU A 59 -0.68 -31.38 23.63
CA LEU A 59 0.47 -30.51 23.41
C LEU A 59 0.06 -29.19 22.78
N ILE A 60 -0.73 -29.24 21.70
CA ILE A 60 -1.14 -28.01 21.02
C ILE A 60 -1.91 -27.10 21.98
N GLY A 61 -2.75 -27.69 22.84
CA GLY A 61 -3.45 -26.89 23.82
C GLY A 61 -2.52 -26.26 24.84
N PHE A 62 -1.45 -26.96 25.22
CA PHE A 62 -0.56 -26.44 26.26
C PHE A 62 0.22 -25.23 25.78
N ILE A 63 0.85 -25.32 24.61
CA ILE A 63 1.59 -24.18 24.08
C ILE A 63 0.66 -23.02 23.78
N TYR A 64 -0.49 -23.30 23.16
CA TYR A 64 -1.43 -22.23 22.84
C TYR A 64 -1.98 -21.57 24.10
N THR A 65 -2.08 -22.32 25.20
CA THR A 65 -2.46 -21.71 26.47
C THR A 65 -1.37 -20.77 26.96
N VAL A 66 -0.11 -21.17 26.85
CA VAL A 66 1.00 -20.32 27.29
C VAL A 66 1.07 -19.05 26.45
N ILE A 67 0.88 -19.18 25.14
CA ILE A 67 0.88 -18.01 24.26
C ILE A 67 -0.27 -17.07 24.61
N VAL A 68 -1.46 -17.64 24.80
CA VAL A 68 -2.63 -16.83 25.13
C VAL A 68 -2.49 -16.20 26.51
N MET A 69 -2.01 -16.97 27.48
CA MET A 69 -1.94 -16.47 28.86
C MET A 69 -0.91 -15.36 29.00
N LYS A 70 0.25 -15.53 28.37
CA LYS A 70 1.29 -14.49 28.45
C LYS A 70 0.84 -13.19 27.80
N ILE A 71 0.16 -13.29 26.64
CA ILE A 71 -0.33 -12.08 25.99
C ILE A 71 -1.46 -11.45 26.80
N ALA A 72 -2.30 -12.27 27.43
CA ALA A 72 -3.42 -11.75 28.21
C ALA A 72 -2.91 -10.96 29.42
N LEU A 73 -1.85 -11.44 30.07
CA LEU A 73 -1.34 -10.81 31.28
C LEU A 73 -0.38 -9.66 30.99
N THR A 74 -0.08 -9.38 29.73
CA THR A 74 0.82 -8.29 29.37
C THR A 74 0.12 -7.16 28.61
N THR A 75 -0.73 -7.50 27.65
CA THR A 75 -1.46 -6.48 26.89
C THR A 75 -2.97 -6.69 26.88
N GLY A 76 -3.47 -7.91 27.07
CA GLY A 76 -4.88 -8.18 27.04
C GLY A 76 -5.46 -8.32 25.65
N LEU A 77 -4.66 -8.22 24.60
CA LEU A 77 -5.13 -8.35 23.23
C LEU A 77 -4.83 -9.77 22.75
N VAL A 78 -5.64 -10.71 23.22
CA VAL A 78 -5.52 -12.11 22.83
C VAL A 78 -5.95 -12.25 21.37
N PRO A 79 -5.14 -12.87 20.52
CA PRO A 79 -5.50 -13.01 19.11
C PRO A 79 -6.25 -14.31 18.85
N THR A 80 -6.87 -14.38 17.68
CA THR A 80 -7.57 -15.57 17.24
C THR A 80 -6.57 -16.56 16.64
N LEU A 81 -6.54 -17.78 17.17
CA LEU A 81 -5.54 -18.77 16.79
C LEU A 81 -6.16 -20.10 16.35
N ASN A 82 -7.45 -20.10 16.02
CA ASN A 82 -8.11 -21.35 15.62
C ASN A 82 -7.56 -21.87 14.30
N VAL A 83 -7.33 -20.97 13.34
CA VAL A 83 -6.83 -21.40 12.03
C VAL A 83 -5.43 -21.99 12.15
N SER A 84 -4.57 -21.35 12.95
CA SER A 84 -3.21 -21.84 13.11
C SER A 84 -3.18 -23.21 13.78
N ALA A 85 -4.17 -23.50 14.64
CA ALA A 85 -4.22 -24.80 15.30
C ALA A 85 -4.47 -25.92 14.30
N ALA A 86 -5.24 -25.65 13.24
CA ALA A 86 -5.48 -26.66 12.22
C ALA A 86 -4.20 -27.02 11.49
N LEU A 87 -3.38 -26.03 11.17
CA LEU A 87 -2.12 -26.29 10.48
C LEU A 87 -1.15 -27.04 11.38
N LEU A 88 -1.03 -26.62 12.64
CA LEU A 88 -0.12 -27.29 13.56
C LEU A 88 -0.56 -28.71 13.86
N SER A 89 -1.86 -28.95 13.98
CA SER A 89 -2.35 -30.31 14.17
C SER A 89 -2.02 -31.18 12.96
N PHE A 90 -2.11 -30.61 11.76
CA PHE A 90 -1.77 -31.34 10.55
C PHE A 90 -0.29 -31.67 10.50
N LEU A 91 0.57 -30.67 10.74
CA LEU A 91 2.01 -30.90 10.63
C LEU A 91 2.50 -31.87 11.69
N ALA A 92 1.99 -31.76 12.92
CA ALA A 92 2.48 -32.61 14.00
C ALA A 92 2.18 -34.08 13.74
N LEU A 93 0.97 -34.38 13.27
CA LEU A 93 0.58 -35.77 13.07
C LEU A 93 1.20 -36.36 11.80
N ARG A 94 1.29 -35.57 10.73
CA ARG A 94 1.98 -36.04 9.53
C ARG A 94 3.47 -36.26 9.80
N GLY A 95 4.07 -35.37 10.60
CA GLY A 95 5.46 -35.57 10.99
C GLY A 95 5.66 -36.82 11.81
N TRP A 96 4.74 -37.09 12.74
CA TRP A 96 4.85 -38.29 13.56
C TRP A 96 4.72 -39.56 12.73
N THR A 97 3.77 -39.58 11.78
CA THR A 97 3.60 -40.76 10.94
C THR A 97 4.81 -40.98 10.04
N ARG A 98 5.36 -39.90 9.48
CA ARG A 98 6.53 -40.04 8.61
C ARG A 98 7.76 -40.44 9.40
N LEU A 99 7.94 -39.88 10.59
CA LEU A 99 9.09 -40.24 11.42
C LEU A 99 9.04 -41.71 11.81
N LEU A 100 7.85 -42.22 12.13
CA LEU A 100 7.70 -43.64 12.42
C LEU A 100 7.94 -44.49 11.17
N GLU A 101 7.50 -44.02 10.01
CA GLU A 101 7.77 -44.74 8.77
C GLU A 101 9.27 -44.76 8.47
N ARG A 102 9.97 -43.67 8.79
CA ARG A 102 11.41 -43.64 8.60
C ARG A 102 12.10 -44.69 9.49
N PHE A 103 11.62 -44.86 10.71
CA PHE A 103 12.16 -45.85 11.63
C PHE A 103 11.59 -47.24 11.41
N GLY A 104 10.69 -47.41 10.45
CA GLY A 104 10.11 -48.70 10.14
C GLY A 104 8.81 -49.02 10.86
N VAL A 105 8.38 -48.17 11.79
CA VAL A 105 7.13 -48.40 12.50
C VAL A 105 5.95 -48.03 11.62
N VAL A 106 5.00 -48.93 11.49
CA VAL A 106 3.80 -48.73 10.68
C VAL A 106 2.70 -48.13 11.57
N SER A 107 1.93 -47.20 11.01
CA SER A 107 0.90 -46.52 11.76
C SER A 107 -0.36 -46.39 10.90
N ARG A 108 -1.48 -46.19 11.57
CA ARG A 108 -2.75 -46.01 10.89
C ARG A 108 -2.72 -44.70 10.10
N PRO A 109 -3.33 -44.68 8.90
CA PRO A 109 -3.35 -43.44 8.12
C PRO A 109 -4.07 -42.31 8.84
N PHE A 110 -3.56 -41.09 8.63
CA PHE A 110 -4.08 -39.90 9.28
C PHE A 110 -5.03 -39.19 8.31
N THR A 111 -6.32 -39.32 8.55
CA THR A 111 -7.35 -38.80 7.66
C THR A 111 -7.78 -37.40 8.09
N ARG A 112 -8.68 -36.81 7.32
CA ARG A 112 -9.16 -35.47 7.62
C ARG A 112 -10.10 -35.47 8.83
N GLN A 113 -10.82 -36.56 9.06
CA GLN A 113 -11.71 -36.64 10.22
C GLN A 113 -10.91 -36.58 11.52
N GLU A 114 -9.76 -37.27 11.56
CA GLU A 114 -8.91 -37.21 12.74
C GLU A 114 -8.30 -35.82 12.91
N ASN A 115 -8.02 -35.13 11.80
CA ASN A 115 -7.49 -33.78 11.88
C ASN A 115 -8.50 -32.82 12.49
N THR A 116 -9.78 -32.98 12.14
CA THR A 116 -10.82 -32.15 12.73
C THR A 116 -10.96 -32.41 14.23
N ILE A 117 -10.83 -33.67 14.63
CA ILE A 117 -10.94 -34.01 16.06
C ILE A 117 -9.79 -33.39 16.84
N VAL A 118 -8.57 -33.48 16.33
CA VAL A 118 -7.42 -32.93 17.02
C VAL A 118 -7.51 -31.41 17.11
N GLN A 119 -7.91 -30.76 16.00
CA GLN A 119 -8.04 -29.31 16.02
C GLN A 119 -9.14 -28.87 16.98
N THR A 120 -10.27 -29.57 16.98
CA THR A 120 -11.38 -29.21 17.88
C THR A 120 -11.00 -29.44 19.33
N CYS A 121 -10.34 -30.55 19.64
CA CYS A 121 -9.90 -30.81 21.00
C CYS A 121 -8.87 -29.80 21.46
N GLY A 122 -7.94 -29.44 20.57
CA GLY A 122 -6.93 -28.46 20.93
C GLY A 122 -7.51 -27.07 21.14
N VAL A 123 -8.49 -26.68 20.33
CA VAL A 123 -9.08 -25.36 20.46
C VAL A 123 -9.81 -25.22 21.80
N ALA A 124 -10.55 -26.25 22.20
CA ALA A 124 -11.29 -26.19 23.45
C ALA A 124 -10.35 -26.10 24.65
N CYS A 125 -9.11 -26.58 24.51
CA CYS A 125 -8.18 -26.56 25.63
C CYS A 125 -7.71 -25.14 25.94
N TYR A 126 -7.31 -24.38 24.92
CA TYR A 126 -6.79 -23.04 25.15
C TYR A 126 -7.85 -21.95 25.09
N THR A 127 -9.08 -22.30 24.70
CA THR A 127 -10.15 -21.31 24.72
C THR A 127 -10.48 -20.90 26.16
N ILE A 128 -10.39 -21.85 27.10
CA ILE A 128 -10.65 -21.57 28.50
C ILE A 128 -9.68 -20.53 29.05
N ALA A 129 -8.48 -20.42 28.46
CA ALA A 129 -7.48 -19.49 28.97
C ALA A 129 -7.97 -18.05 28.94
N PHE A 130 -8.64 -17.65 27.85
CA PHE A 130 -9.17 -16.30 27.75
C PHE A 130 -10.68 -16.21 27.94
N ALA A 131 -11.41 -17.30 27.71
CA ALA A 131 -12.84 -17.31 28.01
C ALA A 131 -13.12 -17.35 29.51
N GLY A 132 -12.20 -17.87 30.30
CA GLY A 132 -12.35 -17.93 31.74
C GLY A 132 -12.03 -16.64 32.46
N GLY A 133 -11.63 -15.60 31.74
CA GLY A 133 -11.31 -14.33 32.36
C GLY A 133 -10.09 -14.37 33.26
N PHE A 134 -9.04 -15.09 32.86
CA PHE A 134 -7.84 -15.17 33.68
C PHE A 134 -7.08 -13.85 33.69
N GLY A 135 -7.11 -13.11 32.59
CA GLY A 135 -6.47 -11.82 32.51
C GLY A 135 -7.39 -10.62 32.64
N SER A 136 -8.70 -10.83 32.67
CA SER A 136 -9.65 -9.73 32.76
C SER A 136 -10.46 -9.75 34.04
N THR A 137 -11.15 -10.86 34.35
CA THR A 137 -12.10 -10.88 35.45
C THR A 137 -11.56 -11.61 36.68
N LEU A 138 -11.09 -12.84 36.53
CA LEU A 138 -10.57 -13.58 37.67
C LEU A 138 -9.35 -12.89 38.27
N LEU A 139 -8.56 -12.21 37.44
CA LEU A 139 -7.45 -11.41 37.95
C LEU A 139 -7.92 -10.10 38.57
N GLY A 140 -9.14 -9.67 38.29
CA GLY A 140 -9.68 -8.49 38.93
C GLY A 140 -10.12 -8.72 40.36
N LEU A 141 -10.15 -9.97 40.82
CA LEU A 141 -10.53 -10.30 42.19
C LEU A 141 -9.36 -10.27 43.15
N ASN A 142 -8.13 -10.13 42.66
CA ASN A 142 -6.98 -10.19 43.55
C ASN A 142 -6.85 -8.90 44.35
N LYS A 143 -5.95 -8.94 45.34
CA LYS A 143 -5.78 -7.78 46.23
C LYS A 143 -5.12 -6.62 45.51
N LYS A 144 -4.25 -6.91 44.53
CA LYS A 144 -3.55 -5.84 43.82
C LYS A 144 -4.53 -4.93 43.09
N THR A 145 -5.51 -5.51 42.40
CA THR A 145 -6.49 -4.70 41.69
C THR A 145 -7.38 -3.93 42.65
N TYR A 146 -7.65 -4.52 43.83
CA TYR A 146 -8.47 -3.84 44.82
C TYR A 146 -7.80 -2.55 45.30
N GLU A 147 -6.48 -2.61 45.53
CA GLU A 147 -5.76 -1.43 45.97
C GLU A 147 -5.66 -0.38 44.86
N LEU A 148 -5.41 -0.84 43.63
CA LEU A 148 -5.30 0.09 42.51
C LEU A 148 -6.62 0.81 42.24
N ALA A 149 -7.75 0.14 42.46
CA ALA A 149 -9.05 0.75 42.21
C ALA A 149 -9.31 1.91 43.16
N GLY A 150 -8.70 1.90 44.34
CA GLY A 150 -8.88 2.97 45.29
C GLY A 150 -10.10 2.78 46.17
N ASP A 151 -10.34 3.78 47.01
CA ASP A 151 -11.46 3.78 47.94
C ASP A 151 -12.65 4.47 47.29
N SER A 152 -13.75 3.74 47.16
CA SER A 152 -14.98 4.27 46.58
C SER A 152 -16.15 3.43 47.07
N PRO A 153 -17.36 3.97 47.05
CA PRO A 153 -18.53 3.16 47.41
C PRO A 153 -18.67 1.96 46.50
N GLY A 154 -19.06 0.82 47.08
CA GLY A 154 -19.15 -0.41 46.34
C GLY A 154 -17.88 -1.23 46.46
N ASN A 155 -16.73 -0.55 46.46
CA ASN A 155 -15.44 -1.21 46.60
C ASN A 155 -15.12 -1.36 48.10
N VAL A 156 -15.91 -2.21 48.75
CA VAL A 156 -15.78 -2.44 50.18
C VAL A 156 -14.50 -3.24 50.43
N PRO A 157 -13.92 -3.19 51.63
CA PRO A 157 -12.65 -3.90 51.87
C PRO A 157 -12.74 -5.41 51.70
N GLY A 158 -13.93 -5.99 51.78
CA GLY A 158 -14.06 -7.43 51.62
C GLY A 158 -14.39 -7.84 50.20
N SER A 159 -13.77 -7.19 49.22
CA SER A 159 -14.03 -7.45 47.82
C SER A 159 -12.77 -7.91 47.07
N TRP A 160 -11.97 -8.79 47.68
CA TRP A 160 -10.80 -9.35 47.03
C TRP A 160 -10.71 -10.85 47.32
N LYS A 161 -10.27 -11.59 46.31
CA LYS A 161 -10.10 -13.04 46.41
C LYS A 161 -8.79 -13.42 45.77
N GLU A 162 -8.05 -14.32 46.42
CA GLU A 162 -6.73 -14.61 45.87
C GLU A 162 -6.75 -15.86 45.01
N PRO A 163 -5.96 -15.88 43.93
CA PRO A 163 -5.94 -17.05 43.04
C PRO A 163 -5.35 -18.28 43.72
N GLY A 164 -5.79 -19.45 43.25
CA GLY A 164 -5.29 -20.70 43.78
C GLY A 164 -5.67 -21.85 42.87
N ILE A 165 -4.91 -22.94 42.97
CA ILE A 165 -5.21 -24.13 42.17
C ILE A 165 -6.55 -24.72 42.56
N GLY A 166 -6.82 -24.79 43.87
CA GLY A 166 -7.97 -25.54 44.34
C GLY A 166 -9.30 -24.96 43.88
N TRP A 167 -9.46 -23.64 44.00
CA TRP A 167 -10.75 -23.03 43.70
C TRP A 167 -10.89 -22.62 42.24
N MET A 168 -9.80 -22.25 41.57
CA MET A 168 -9.90 -21.92 40.15
C MET A 168 -10.25 -23.14 39.32
N THR A 169 -9.63 -24.29 39.61
CA THR A 169 -9.92 -25.50 38.85
C THR A 169 -11.37 -25.95 39.07
N GLY A 170 -11.83 -25.93 40.33
CA GLY A 170 -13.20 -26.29 40.61
C GLY A 170 -14.21 -25.31 40.04
N PHE A 171 -13.86 -24.02 40.04
CA PHE A 171 -14.75 -23.02 39.46
C PHE A 171 -14.93 -23.25 37.96
N LEU A 172 -13.85 -23.59 37.26
CA LEU A 172 -13.94 -23.81 35.82
C LEU A 172 -14.69 -25.10 35.50
N LEU A 173 -14.43 -26.17 36.26
CA LEU A 173 -15.05 -27.46 35.97
C LEU A 173 -16.56 -27.39 36.08
N ALA A 174 -17.07 -26.65 37.07
CA ALA A 174 -18.51 -26.57 37.29
C ALA A 174 -19.22 -25.86 36.14
N CYS A 175 -18.61 -24.81 35.60
CA CYS A 175 -19.32 -23.95 34.67
C CYS A 175 -18.90 -24.12 33.21
N SER A 176 -17.71 -24.66 32.94
CA SER A 176 -17.25 -24.77 31.56
C SER A 176 -18.11 -25.76 30.76
N PHE A 177 -18.48 -26.89 31.37
CA PHE A 177 -19.24 -27.90 30.67
C PHE A 177 -20.70 -27.52 30.45
N GLY A 178 -21.17 -26.43 31.05
CA GLY A 178 -22.54 -26.02 30.83
C GLY A 178 -22.82 -25.62 29.40
N GLY A 179 -21.87 -24.91 28.77
CA GLY A 179 -22.06 -24.50 27.40
C GLY A 179 -21.99 -25.64 26.40
N LEU A 180 -21.26 -26.70 26.74
CA LEU A 180 -21.12 -27.83 25.82
C LEU A 180 -22.45 -28.54 25.60
N LEU A 181 -23.23 -28.73 26.66
CA LEU A 181 -24.49 -29.44 26.54
C LEU A 181 -25.52 -28.66 25.71
N THR A 182 -25.48 -27.33 25.80
CA THR A 182 -26.39 -26.51 25.03
C THR A 182 -26.12 -26.61 23.52
N LEU A 183 -24.91 -27.02 23.14
CA LEU A 183 -24.54 -27.06 21.72
C LEU A 183 -25.34 -28.10 20.94
N ILE A 184 -25.68 -29.23 21.57
CA ILE A 184 -26.31 -30.32 20.84
C ILE A 184 -27.65 -29.90 20.22
N PRO A 185 -28.60 -29.31 20.95
CA PRO A 185 -29.80 -28.79 20.27
C PRO A 185 -29.49 -27.66 19.29
N LEU A 186 -28.46 -26.85 19.58
CA LEU A 186 -28.11 -25.74 18.69
C LEU A 186 -27.43 -26.20 17.41
N ARG A 187 -26.77 -27.36 17.44
CA ARG A 187 -26.06 -27.84 16.26
C ARG A 187 -27.03 -28.13 15.11
N GLN A 188 -28.18 -28.70 15.43
CA GLN A 188 -29.15 -29.06 14.38
C GLN A 188 -29.74 -27.82 13.73
N VAL A 189 -30.18 -26.85 14.53
CA VAL A 189 -30.91 -25.71 13.99
C VAL A 189 -29.99 -24.77 13.21
N LEU A 190 -28.79 -24.52 13.73
CA LEU A 190 -27.96 -23.46 13.18
C LEU A 190 -27.06 -23.93 12.04
N VAL A 191 -26.41 -25.08 12.20
CA VAL A 191 -25.41 -25.50 11.22
C VAL A 191 -26.07 -25.87 9.89
N VAL A 192 -27.14 -26.67 9.94
CA VAL A 192 -27.71 -27.24 8.74
C VAL A 192 -29.12 -26.73 8.44
N ASP A 193 -29.97 -26.54 9.45
CA ASP A 193 -31.32 -26.07 9.19
C ASP A 193 -31.32 -24.62 8.71
N TYR A 194 -30.77 -23.71 9.53
CA TYR A 194 -30.69 -22.31 9.14
C TYR A 194 -29.64 -22.04 8.08
N LYS A 195 -28.77 -23.02 7.79
CA LYS A 195 -27.75 -22.90 6.75
C LYS A 195 -26.84 -21.69 6.99
N LEU A 196 -26.56 -21.42 8.27
CA LEU A 196 -25.64 -20.35 8.61
C LEU A 196 -24.24 -20.71 8.18
N VAL A 197 -23.55 -19.78 7.53
CA VAL A 197 -22.18 -19.97 7.10
C VAL A 197 -21.25 -19.42 8.18
N TYR A 198 -20.35 -20.25 8.68
CA TYR A 198 -19.38 -19.80 9.65
C TYR A 198 -18.06 -19.58 8.92
N PRO A 199 -17.73 -18.32 8.59
CA PRO A 199 -16.59 -18.08 7.69
C PRO A 199 -15.27 -18.66 8.18
N SER A 200 -14.98 -18.59 9.47
CA SER A 200 -13.75 -19.20 9.97
C SER A 200 -13.89 -20.72 10.06
N GLY A 201 -15.10 -21.20 10.37
CA GLY A 201 -15.35 -22.64 10.33
C GLY A 201 -15.30 -23.20 8.93
N THR A 202 -15.88 -22.47 7.97
CA THR A 202 -15.85 -22.91 6.58
C THR A 202 -14.43 -22.85 6.02
N ALA A 203 -13.69 -21.79 6.34
CA ALA A 203 -12.32 -21.67 5.84
C ALA A 203 -11.43 -22.79 6.37
N THR A 204 -11.58 -23.13 7.66
CA THR A 204 -10.77 -24.19 8.24
C THR A 204 -11.13 -25.54 7.64
N ALA A 205 -12.42 -25.77 7.35
CA ALA A 205 -12.83 -27.04 6.75
C ALA A 205 -12.22 -27.21 5.37
N ILE A 206 -12.20 -26.14 4.56
CA ILE A 206 -11.58 -26.20 3.25
C ILE A 206 -10.08 -26.40 3.37
N LEU A 207 -9.45 -25.73 4.35
CA LEU A 207 -8.02 -25.93 4.58
C LEU A 207 -7.71 -27.36 4.96
N ILE A 208 -8.55 -27.96 5.83
CA ILE A 208 -8.32 -29.34 6.24
C ILE A 208 -8.60 -30.29 5.07
N ASN A 209 -9.65 -30.01 4.30
CA ASN A 209 -9.95 -30.86 3.14
C ASN A 209 -8.83 -30.84 2.11
N GLY A 210 -8.24 -29.65 1.87
CA GLY A 210 -7.16 -29.56 0.91
C GLY A 210 -5.91 -30.30 1.35
N PHE A 211 -5.72 -30.44 2.66
CA PHE A 211 -4.57 -31.17 3.18
C PHE A 211 -4.65 -32.67 2.86
N HIS A 212 -5.86 -33.24 2.89
CA HIS A 212 -6.03 -34.68 2.85
C HIS A 212 -6.59 -35.19 1.52
N THR A 213 -6.65 -34.34 0.48
CA THR A 213 -7.13 -34.78 -0.82
C THR A 213 -5.99 -35.44 -1.61
N ASP A 214 -6.29 -36.55 -2.28
CA ASP A 214 -5.25 -37.34 -2.93
C ASP A 214 -5.58 -37.79 -4.35
N GLN A 215 -6.81 -37.61 -4.81
CA GLN A 215 -7.25 -38.14 -6.10
C GLN A 215 -7.35 -37.01 -7.12
N GLY A 216 -6.83 -37.25 -8.31
CA GLY A 216 -6.67 -36.20 -9.30
C GLY A 216 -7.93 -35.83 -10.05
N ASP A 217 -8.84 -35.11 -9.39
CA ASP A 217 -10.02 -34.60 -10.06
C ASP A 217 -9.65 -33.36 -10.89
N LYS A 218 -10.50 -33.06 -11.87
CA LYS A 218 -10.24 -31.94 -12.77
C LYS A 218 -10.45 -30.59 -12.09
N ASN A 219 -11.40 -30.52 -11.16
CA ASN A 219 -11.63 -29.26 -10.44
C ASN A 219 -10.83 -29.18 -9.15
N SER A 220 -10.33 -30.30 -8.63
CA SER A 220 -9.62 -30.30 -7.35
C SER A 220 -8.34 -29.48 -7.41
N ARG A 221 -7.48 -29.77 -8.39
CA ARG A 221 -6.21 -29.07 -8.51
C ARG A 221 -6.39 -27.64 -9.01
N LYS A 222 -7.51 -27.32 -9.67
CA LYS A 222 -7.78 -25.92 -9.92
C LYS A 222 -8.09 -25.20 -8.61
N GLN A 223 -8.76 -25.88 -7.68
CA GLN A 223 -9.04 -25.30 -6.38
C GLN A 223 -7.77 -25.25 -5.51
N ILE A 224 -6.99 -26.33 -5.52
CA ILE A 224 -5.79 -26.38 -4.67
C ILE A 224 -4.78 -25.32 -5.10
N ARG A 225 -4.53 -25.22 -6.40
CA ARG A 225 -3.61 -24.20 -6.89
C ARG A 225 -4.14 -22.79 -6.64
N GLY A 226 -5.45 -22.58 -6.81
CA GLY A 226 -6.03 -21.29 -6.48
C GLY A 226 -5.92 -20.98 -5.01
N PHE A 227 -6.11 -21.99 -4.15
CA PHE A 227 -5.94 -21.80 -2.71
C PHE A 227 -4.51 -21.42 -2.37
N LEU A 228 -3.55 -22.11 -2.96
CA LEU A 228 -2.14 -21.90 -2.63
C LEU A 228 -1.60 -20.57 -3.12
N LYS A 229 -2.09 -20.07 -4.26
CA LYS A 229 -1.62 -18.78 -4.76
C LYS A 229 -2.05 -17.65 -3.83
N TYR A 230 -3.29 -17.67 -3.35
CA TYR A 230 -3.79 -16.61 -2.48
C TYR A 230 -3.41 -16.82 -1.02
N PHE A 231 -3.15 -18.07 -0.61
CA PHE A 231 -2.68 -18.31 0.75
C PHE A 231 -1.28 -17.72 0.94
N GLY A 232 -0.38 -17.94 -0.01
CA GLY A 232 0.94 -17.36 0.08
C GLY A 232 0.92 -15.85 -0.04
N GLY A 233 0.07 -15.32 -0.93
CA GLY A 233 -0.04 -13.88 -1.08
C GLY A 233 -0.59 -13.21 0.16
N SER A 234 -1.62 -13.80 0.77
CA SER A 234 -2.21 -13.22 1.98
C SER A 234 -1.25 -13.33 3.16
N PHE A 235 -0.54 -14.46 3.29
CA PHE A 235 0.41 -14.60 4.38
C PHE A 235 1.56 -13.62 4.25
N LEU A 236 2.09 -13.46 3.03
CA LEU A 236 3.17 -12.51 2.82
C LEU A 236 2.69 -11.07 2.98
N TRP A 237 1.44 -10.78 2.61
CA TRP A 237 0.91 -9.44 2.82
C TRP A 237 0.79 -9.13 4.31
N SER A 238 0.34 -10.09 5.11
CA SER A 238 0.27 -9.88 6.56
C SER A 238 1.66 -9.77 7.16
N PHE A 239 2.61 -10.56 6.66
CA PHE A 239 3.99 -10.47 7.14
C PHE A 239 4.59 -9.11 6.83
N PHE A 240 4.30 -8.58 5.63
CA PHE A 240 4.81 -7.26 5.26
C PHE A 240 4.20 -6.16 6.12
N GLN A 241 2.93 -6.28 6.46
CA GLN A 241 2.25 -5.25 7.24
C GLN A 241 2.83 -5.12 8.64
N TRP A 242 3.40 -6.19 9.18
CA TRP A 242 3.81 -6.20 10.58
C TRP A 242 4.89 -5.18 10.88
N PHE A 243 5.82 -4.98 9.95
CA PHE A 243 6.97 -4.11 10.19
C PHE A 243 6.60 -2.64 10.32
N TYR A 244 5.37 -2.26 9.95
CA TYR A 244 4.98 -0.86 9.93
C TYR A 244 3.89 -0.52 10.93
N THR A 245 3.39 -1.49 11.68
CA THR A 245 2.43 -1.24 12.76
C THR A 245 3.16 -1.10 14.10
N GLY A 246 4.14 -0.20 14.15
CA GLY A 246 4.97 -0.05 15.33
C GLY A 246 4.60 1.13 16.20
N GLY A 247 3.32 1.37 16.37
CA GLY A 247 2.87 2.47 17.20
C GLY A 247 1.37 2.42 17.40
N ASP A 248 0.89 3.34 18.23
CA ASP A 248 -0.53 3.43 18.51
C ASP A 248 -1.25 4.07 17.34
N ALA A 249 -2.15 3.31 16.70
CA ALA A 249 -2.94 3.77 15.57
C ALA A 249 -2.05 4.27 14.43
N CYS A 250 -1.22 3.35 13.93
CA CYS A 250 -0.38 3.64 12.78
C CYS A 250 -0.04 2.34 12.08
N GLY A 251 -0.01 2.37 10.75
CA GLY A 251 0.22 1.18 9.95
C GLY A 251 -0.81 1.03 8.86
N PHE A 252 -0.75 -0.07 8.12
CA PHE A 252 -1.75 -0.32 7.08
C PHE A 252 -3.14 -0.59 7.66
N VAL A 253 -3.21 -1.07 8.90
CA VAL A 253 -4.51 -1.33 9.51
C VAL A 253 -5.23 -0.01 9.80
N GLN A 254 -4.51 1.00 10.23
CA GLN A 254 -5.09 2.33 10.47
C GLN A 254 -4.85 3.25 9.27
N PHE A 255 -5.35 2.82 8.10
CA PHE A 255 -5.13 3.55 6.87
C PHE A 255 -6.32 4.44 6.57
N PRO A 256 -6.16 5.77 6.53
CA PRO A 256 -7.28 6.67 6.18
C PRO A 256 -7.54 6.71 4.68
N THR A 257 -8.24 5.68 4.19
CA THR A 257 -8.50 5.57 2.76
C THR A 257 -9.47 6.65 2.26
N PHE A 258 -10.39 7.10 3.10
CA PHE A 258 -11.37 8.12 2.71
C PHE A 258 -11.15 9.43 3.45
N GLY A 259 -9.95 9.66 3.96
CA GLY A 259 -9.64 10.90 4.64
C GLY A 259 -9.44 10.69 6.14
N LEU A 260 -8.83 11.70 6.77
CA LEU A 260 -8.60 11.64 8.20
C LEU A 260 -9.87 11.92 9.00
N LYS A 261 -10.77 12.74 8.47
CA LYS A 261 -12.03 12.98 9.15
C LYS A 261 -12.88 11.72 9.22
N ALA A 262 -12.93 10.96 8.12
CA ALA A 262 -13.70 9.71 8.12
C ALA A 262 -13.00 8.62 8.91
N TRP A 263 -11.66 8.67 8.97
CA TRP A 263 -10.92 7.68 9.77
C TRP A 263 -11.24 7.82 11.25
N LYS A 264 -11.37 9.05 11.74
CA LYS A 264 -11.73 9.27 13.14
C LYS A 264 -13.13 8.78 13.46
N GLN A 265 -14.01 8.71 12.46
CA GLN A 265 -15.33 8.10 12.61
C GLN A 265 -15.31 6.62 12.31
N THR A 266 -14.12 6.00 12.23
CA THR A 266 -13.97 4.58 11.95
C THR A 266 -14.65 4.19 10.63
N PHE A 267 -14.46 5.02 9.62
CA PHE A 267 -15.04 4.76 8.31
C PHE A 267 -13.95 4.66 7.26
N TYR A 268 -12.89 3.92 7.58
CA TYR A 268 -11.76 3.71 6.70
C TYR A 268 -11.77 2.27 6.19
N PHE A 269 -10.74 1.93 5.42
CA PHE A 269 -10.57 0.57 4.89
C PHE A 269 -9.23 0.04 5.36
N ASP A 270 -9.24 -0.79 6.39
CA ASP A 270 -8.04 -1.53 6.76
C ASP A 270 -7.82 -2.67 5.77
N PHE A 271 -6.55 -2.93 5.48
CA PHE A 271 -6.18 -3.94 4.49
C PHE A 271 -6.21 -5.34 5.09
N SER A 272 -7.35 -5.69 5.71
CA SER A 272 -7.50 -6.97 6.39
C SER A 272 -8.15 -7.97 5.45
N MET A 273 -7.40 -9.00 5.08
CA MET A 273 -7.92 -10.04 4.20
C MET A 273 -8.84 -11.01 4.93
N THR A 274 -8.81 -11.02 6.27
CA THR A 274 -9.73 -11.86 7.03
C THR A 274 -11.18 -11.40 6.82
N TYR A 275 -11.43 -10.10 6.99
CA TYR A 275 -12.77 -9.58 6.79
C TYR A 275 -13.16 -9.53 5.33
N VAL A 276 -12.22 -9.23 4.44
CA VAL A 276 -12.49 -9.26 3.00
C VAL A 276 -12.83 -10.68 2.57
N GLY A 277 -12.04 -11.65 3.03
CA GLY A 277 -12.32 -13.05 2.71
C GLY A 277 -13.60 -13.55 3.34
N ALA A 278 -13.90 -13.13 4.57
CA ALA A 278 -15.13 -13.55 5.22
C ALA A 278 -16.36 -13.02 4.48
N GLY A 279 -16.31 -11.78 4.02
CA GLY A 279 -17.43 -11.21 3.29
C GLY A 279 -17.65 -11.83 1.92
N MET A 280 -16.64 -12.49 1.37
CA MET A 280 -16.78 -13.12 0.06
C MET A 280 -17.75 -14.29 0.11
N ILE A 281 -17.72 -15.08 1.18
CA ILE A 281 -18.57 -16.25 1.32
C ILE A 281 -19.86 -15.93 2.10
N CYS A 282 -20.00 -14.71 2.59
CA CYS A 282 -21.24 -14.34 3.23
C CYS A 282 -22.24 -13.83 2.20
N PRO A 283 -23.54 -14.02 2.44
CA PRO A 283 -24.54 -13.49 1.50
C PRO A 283 -24.51 -11.97 1.47
N HIS A 284 -24.96 -11.42 0.34
CA HIS A 284 -24.89 -9.96 0.15
C HIS A 284 -25.77 -9.22 1.16
N ILE A 285 -26.89 -9.82 1.57
CA ILE A 285 -27.76 -9.16 2.53
C ILE A 285 -27.07 -9.00 3.87
N VAL A 286 -26.20 -9.95 4.24
CA VAL A 286 -25.44 -9.82 5.48
C VAL A 286 -24.42 -8.69 5.37
N ASN A 287 -23.70 -8.62 4.25
CA ASN A 287 -22.70 -7.57 4.07
C ASN A 287 -23.35 -6.20 3.97
N ILE A 288 -24.46 -6.09 3.26
CA ILE A 288 -25.16 -4.82 3.15
C ILE A 288 -25.70 -4.38 4.50
N SER A 289 -26.24 -5.32 5.28
CA SER A 289 -26.75 -5.00 6.61
C SER A 289 -25.64 -4.50 7.51
N THR A 290 -24.45 -5.11 7.40
CA THR A 290 -23.33 -4.68 8.22
C THR A 290 -22.94 -3.23 7.95
N LEU A 291 -22.88 -2.86 6.67
CA LEU A 291 -22.59 -1.46 6.32
C LEU A 291 -23.73 -0.54 6.75
N LEU A 292 -24.97 -1.00 6.58
CA LEU A 292 -26.12 -0.17 6.93
C LEU A 292 -26.16 0.11 8.43
N GLY A 293 -25.75 -0.88 9.24
CA GLY A 293 -25.64 -0.65 10.68
C GLY A 293 -24.55 0.32 11.05
N ALA A 294 -23.41 0.28 10.34
CA ALA A 294 -22.32 1.20 10.62
C ALA A 294 -22.69 2.63 10.28
N ILE A 295 -23.45 2.81 9.20
CA ILE A 295 -23.88 4.16 8.80
C ILE A 295 -24.81 4.76 9.86
N ILE A 296 -25.75 3.96 10.37
CA ILE A 296 -26.71 4.47 11.34
C ILE A 296 -26.02 4.87 12.63
N SER A 297 -25.11 4.03 13.12
CA SER A 297 -24.51 4.28 14.44
C SER A 297 -23.40 5.33 14.35
N TRP A 298 -22.33 5.02 13.62
CA TRP A 298 -21.17 5.90 13.58
C TRP A 298 -21.38 7.12 12.69
N GLY A 299 -22.18 7.01 11.64
CA GLY A 299 -22.39 8.12 10.75
C GLY A 299 -23.49 9.07 11.17
N ILE A 300 -24.43 8.58 11.97
CA ILE A 300 -25.59 9.38 12.35
C ILE A 300 -25.73 9.46 13.87
N MET A 301 -25.92 8.31 14.51
CA MET A 301 -26.41 8.31 15.89
C MET A 301 -25.35 8.79 16.88
N TRP A 302 -24.13 8.29 16.76
CA TRP A 302 -23.10 8.70 17.72
C TRP A 302 -22.76 10.18 17.59
N PRO A 303 -22.57 10.73 16.38
CA PRO A 303 -22.35 12.19 16.29
C PRO A 303 -23.49 13.01 16.87
N LEU A 304 -24.73 12.58 16.68
CA LEU A 304 -25.87 13.31 17.25
C LEU A 304 -25.89 13.21 18.77
N ILE A 305 -25.59 12.04 19.31
CA ILE A 305 -25.58 11.87 20.76
C ILE A 305 -24.43 12.65 21.38
N SER A 306 -23.27 12.68 20.71
CA SER A 306 -22.11 13.37 21.23
C SER A 306 -22.28 14.87 21.31
N LYS A 307 -23.30 15.43 20.65
CA LYS A 307 -23.57 16.86 20.75
C LYS A 307 -24.11 17.26 22.11
N ASN A 308 -24.44 16.29 22.97
CA ASN A 308 -24.95 16.54 24.32
C ASN A 308 -23.95 16.04 25.36
N LYS A 309 -22.66 16.30 25.11
CA LYS A 309 -21.60 15.85 26.01
C LYS A 309 -21.63 16.51 27.38
N GLY A 310 -22.41 17.58 27.55
CA GLY A 310 -22.48 18.25 28.83
C GLY A 310 -23.83 18.12 29.50
N ASP A 311 -24.86 17.78 28.74
CA ASP A 311 -26.22 17.70 29.26
C ASP A 311 -26.63 16.26 29.55
N TRP A 312 -26.56 15.38 28.55
CA TRP A 312 -27.05 14.02 28.71
C TRP A 312 -26.15 13.20 29.64
N TYR A 313 -24.85 13.31 29.47
CA TYR A 313 -23.88 12.61 30.30
C TYR A 313 -22.78 13.59 30.68
N PRO A 314 -22.15 13.39 31.84
CA PRO A 314 -21.07 14.31 32.24
C PRO A 314 -19.87 14.18 31.32
N ALA A 315 -19.16 15.30 31.15
CA ALA A 315 -18.02 15.35 30.24
C ALA A 315 -16.69 15.08 30.94
N LYS A 316 -16.65 15.14 32.27
CA LYS A 316 -15.40 14.88 32.98
C LYS A 316 -15.00 13.41 32.89
N VAL A 317 -15.97 12.50 32.98
CA VAL A 317 -15.66 11.06 32.88
C VAL A 317 -15.20 10.76 31.46
N PRO A 318 -14.18 9.93 31.28
CA PRO A 318 -13.72 9.62 29.92
C PRO A 318 -14.72 8.74 29.18
N GLU A 319 -14.61 8.76 27.85
CA GLU A 319 -15.41 7.88 27.03
C GLU A 319 -14.96 6.43 27.24
N SER A 320 -15.66 5.50 26.59
CA SER A 320 -15.53 4.07 26.80
C SER A 320 -15.91 3.66 28.21
N SER A 321 -16.48 4.57 28.99
CA SER A 321 -17.02 4.28 30.31
C SER A 321 -18.54 4.20 30.25
N MET A 322 -19.11 3.39 31.13
CA MET A 322 -20.54 3.12 31.07
C MET A 322 -21.39 4.35 31.35
N LYS A 323 -20.79 5.43 31.87
CA LYS A 323 -21.51 6.67 32.13
C LYS A 323 -21.39 7.70 31.02
N SER A 324 -20.56 7.46 30.00
CA SER A 324 -20.28 8.46 28.97
C SER A 324 -20.12 7.79 27.61
N LEU A 325 -21.21 7.73 26.85
CA LEU A 325 -21.21 7.39 25.43
C LEU A 325 -20.90 5.93 25.17
N TYR A 326 -20.53 5.17 26.20
CA TYR A 326 -20.38 3.73 26.03
C TYR A 326 -21.57 2.95 26.56
N GLY A 327 -22.35 3.54 27.47
CA GLY A 327 -23.64 2.96 27.80
C GLY A 327 -24.55 2.93 26.60
N TYR A 328 -24.47 3.95 25.75
CA TYR A 328 -25.18 3.93 24.48
C TYR A 328 -24.64 2.82 23.58
N LYS A 329 -23.32 2.70 23.48
CA LYS A 329 -22.73 1.70 22.61
C LYS A 329 -23.09 0.29 23.07
N ALA A 330 -22.98 0.02 24.36
CA ALA A 330 -23.18 -1.33 24.86
C ALA A 330 -24.65 -1.73 24.87
N PHE A 331 -25.53 -0.85 25.36
CA PHE A 331 -26.92 -1.23 25.53
C PHE A 331 -27.70 -1.23 24.21
N ILE A 332 -27.39 -0.31 23.30
CA ILE A 332 -28.06 -0.33 22.00
C ILE A 332 -27.61 -1.54 21.19
N CYS A 333 -26.32 -1.90 21.30
CA CYS A 333 -25.82 -3.05 20.55
C CYS A 333 -26.50 -4.34 20.98
N ILE A 334 -26.65 -4.56 22.29
CA ILE A 334 -27.30 -5.79 22.75
C ILE A 334 -28.79 -5.76 22.43
N ALA A 335 -29.42 -4.58 22.53
CA ALA A 335 -30.85 -4.49 22.26
C ALA A 335 -31.18 -4.89 20.83
N LEU A 336 -30.34 -4.50 19.88
CA LEU A 336 -30.52 -4.97 18.51
C LEU A 336 -30.35 -6.47 18.41
N ILE A 337 -29.34 -7.03 19.09
CA ILE A 337 -29.13 -8.47 19.05
C ILE A 337 -30.22 -9.20 19.82
N MET A 338 -30.54 -8.71 21.02
CA MET A 338 -31.55 -9.38 21.84
C MET A 338 -32.92 -9.31 21.20
N GLY A 339 -33.29 -8.17 20.62
CA GLY A 339 -34.58 -8.08 19.96
C GLY A 339 -34.72 -9.06 18.82
N ASP A 340 -33.67 -9.22 18.01
CA ASP A 340 -33.69 -10.22 16.96
C ASP A 340 -33.48 -11.62 17.54
N GLY A 341 -32.61 -11.74 18.55
CA GLY A 341 -32.30 -13.06 19.09
C GLY A 341 -33.47 -13.71 19.80
N MET A 342 -34.25 -12.93 20.55
CA MET A 342 -35.39 -13.51 21.27
C MET A 342 -36.42 -14.08 20.32
N TYR A 343 -36.72 -13.38 19.22
CA TYR A 343 -37.78 -13.83 18.32
C TYR A 343 -37.45 -15.19 17.70
N HIS A 344 -36.20 -15.38 17.25
CA HIS A 344 -35.82 -16.67 16.69
C HIS A 344 -35.85 -17.76 17.75
N PHE A 345 -35.45 -17.42 18.99
CA PHE A 345 -35.50 -18.41 20.07
C PHE A 345 -36.94 -18.80 20.40
N ILE A 346 -37.85 -17.80 20.43
CA ILE A 346 -39.26 -18.11 20.66
C ILE A 346 -39.84 -18.87 19.49
N LYS A 347 -39.41 -18.54 18.26
CA LYS A 347 -39.90 -19.22 17.08
C LYS A 347 -39.54 -20.70 17.10
N ILE A 348 -38.31 -21.03 17.51
CA ILE A 348 -37.91 -22.44 17.62
C ILE A 348 -38.72 -23.14 18.69
N VAL A 349 -38.88 -22.50 19.85
CA VAL A 349 -39.69 -23.08 20.91
C VAL A 349 -41.14 -23.20 20.47
N GLY A 350 -41.67 -22.17 19.82
CA GLY A 350 -43.04 -22.23 19.33
C GLY A 350 -43.25 -23.33 18.31
N ILE A 351 -42.32 -23.49 17.37
CA ILE A 351 -42.42 -24.56 16.38
C ILE A 351 -42.32 -25.91 17.06
N THR A 352 -41.37 -26.07 17.99
CA THR A 352 -41.20 -27.33 18.68
C THR A 352 -42.44 -27.67 19.52
N ALA A 353 -43.00 -26.67 20.21
CA ALA A 353 -44.18 -26.91 21.04
C ALA A 353 -45.36 -27.37 20.20
N MET A 354 -45.57 -26.75 19.04
CA MET A 354 -46.65 -27.16 18.16
C MET A 354 -46.43 -28.58 17.64
N SER A 355 -45.17 -28.92 17.31
CA SER A 355 -44.88 -30.24 16.75
C SER A 355 -45.21 -31.34 17.75
N MET A 356 -44.81 -31.16 19.02
CA MET A 356 -45.08 -32.19 20.02
C MET A 356 -46.54 -32.19 20.44
N TYR A 357 -47.22 -31.05 20.33
CA TYR A 357 -48.67 -31.02 20.53
C TYR A 357 -49.38 -31.85 19.47
N ARG A 358 -48.94 -31.75 18.21
CA ARG A 358 -49.57 -32.52 17.14
C ARG A 358 -49.34 -34.01 17.33
N GLN A 359 -48.16 -34.40 17.77
CA GLN A 359 -47.83 -35.80 17.99
C GLN A 359 -48.63 -36.36 19.16
N PRO A 393 -32.54 -37.61 21.58
CA PRO A 393 -31.40 -37.05 22.32
C PRO A 393 -31.55 -35.55 22.59
N SER A 394 -32.65 -34.96 22.09
CA SER A 394 -32.88 -33.54 22.31
C SER A 394 -33.05 -33.23 23.79
N TRP A 395 -33.83 -34.05 24.50
CA TRP A 395 -34.02 -33.87 25.93
C TRP A 395 -32.90 -34.49 26.75
N MET A 396 -32.08 -35.36 26.14
CA MET A 396 -30.94 -35.92 26.87
C MET A 396 -29.90 -34.86 27.18
N ALA A 397 -29.65 -33.96 26.23
CA ALA A 397 -28.65 -32.91 26.44
C ALA A 397 -29.11 -31.93 27.51
N TYR A 398 -30.38 -31.54 27.49
CA TYR A 398 -30.86 -30.57 28.47
C TYR A 398 -31.00 -31.19 29.86
N ALA A 399 -31.26 -32.49 29.94
CA ALA A 399 -31.24 -33.16 31.24
C ALA A 399 -29.85 -33.12 31.85
N GLY A 400 -28.82 -33.36 31.04
CA GLY A 400 -27.46 -33.23 31.53
C GLY A 400 -27.11 -31.79 31.85
N TYR A 401 -27.64 -30.83 31.06
CA TYR A 401 -27.40 -29.42 31.34
C TYR A 401 -27.99 -29.01 32.68
N ALA A 402 -29.19 -29.51 33.00
CA ALA A 402 -29.78 -29.23 34.30
C ALA A 402 -28.97 -29.85 35.42
N LEU A 403 -28.41 -31.04 35.19
CA LEU A 403 -27.56 -31.69 36.19
C LEU A 403 -26.32 -30.85 36.46
N PHE A 404 -25.70 -30.31 35.41
CA PHE A 404 -24.54 -29.45 35.61
C PHE A 404 -24.94 -28.08 36.15
N SER A 405 -26.17 -27.64 35.86
CA SER A 405 -26.63 -26.35 36.37
C SER A 405 -26.78 -26.37 37.88
N VAL A 406 -27.41 -27.41 38.42
CA VAL A 406 -27.60 -27.49 39.87
C VAL A 406 -26.28 -27.72 40.57
N LEU A 407 -25.32 -28.36 39.89
CA LEU A 407 -24.00 -28.57 40.48
C LEU A 407 -23.30 -27.23 40.73
N ALA A 408 -23.40 -26.30 39.77
CA ALA A 408 -22.80 -24.98 39.96
C ALA A 408 -23.59 -24.15 40.96
N VAL A 409 -24.89 -24.40 41.10
CA VAL A 409 -25.71 -23.63 42.02
C VAL A 409 -25.31 -23.93 43.47
N VAL A 410 -24.97 -25.19 43.75
CA VAL A 410 -24.60 -25.57 45.12
C VAL A 410 -23.09 -25.48 45.38
N THR A 411 -22.29 -25.05 44.41
CA THR A 411 -20.86 -24.99 44.54
C THR A 411 -20.29 -23.57 44.47
N ILE A 412 -20.78 -22.76 43.52
CA ILE A 412 -20.24 -21.41 43.36
C ILE A 412 -20.44 -20.55 44.60
N PRO A 413 -21.61 -20.48 45.23
CA PRO A 413 -21.74 -19.69 46.46
C PRO A 413 -20.86 -20.18 47.60
N VAL A 414 -20.47 -21.45 47.60
CA VAL A 414 -19.53 -21.94 48.61
C VAL A 414 -18.18 -21.25 48.46
N MET A 415 -17.68 -21.15 47.24
CA MET A 415 -16.42 -20.46 47.00
C MET A 415 -16.56 -18.96 47.22
N PHE A 416 -17.64 -18.36 46.72
CA PHE A 416 -17.89 -16.93 46.86
C PHE A 416 -19.17 -16.75 47.67
N LYS A 417 -19.02 -16.41 48.96
CA LYS A 417 -20.20 -16.11 49.75
C LYS A 417 -20.86 -14.81 49.30
N GLN A 418 -20.15 -13.99 48.53
CA GLN A 418 -20.73 -12.76 47.98
C GLN A 418 -21.77 -13.04 46.91
N VAL A 419 -21.80 -14.25 46.36
CA VAL A 419 -22.70 -14.63 45.27
C VAL A 419 -23.80 -15.51 45.85
N LYS A 420 -25.05 -15.11 45.65
CA LYS A 420 -26.18 -15.85 46.17
C LYS A 420 -26.56 -16.98 45.21
N TRP A 421 -27.34 -17.94 45.74
CA TRP A 421 -27.67 -19.13 44.97
C TRP A 421 -28.50 -18.80 43.75
N TYR A 422 -29.46 -17.88 43.87
CA TYR A 422 -30.33 -17.57 42.74
C TYR A 422 -29.68 -16.67 41.71
N TYR A 423 -28.52 -16.07 42.00
CA TYR A 423 -27.76 -15.41 40.96
C TYR A 423 -27.28 -16.42 39.92
N VAL A 424 -26.81 -17.58 40.37
CA VAL A 424 -26.36 -18.61 39.44
C VAL A 424 -27.54 -19.18 38.66
N VAL A 425 -28.69 -19.30 39.31
CA VAL A 425 -29.87 -19.85 38.63
C VAL A 425 -30.28 -18.95 37.47
N ILE A 426 -30.32 -17.64 37.71
CA ILE A 426 -30.67 -16.71 36.64
C ILE A 426 -29.64 -16.76 35.52
N ALA A 427 -28.36 -16.92 35.89
CA ALA A 427 -27.31 -17.01 34.87
C ALA A 427 -27.49 -18.25 34.00
N TYR A 428 -27.87 -19.37 34.59
CA TYR A 428 -27.98 -20.61 33.85
C TYR A 428 -29.29 -20.77 33.08
N VAL A 429 -30.31 -19.97 33.40
CA VAL A 429 -31.55 -19.99 32.64
C VAL A 429 -31.44 -19.19 31.36
N VAL A 430 -30.85 -17.99 31.43
CA VAL A 430 -30.72 -17.15 30.24
C VAL A 430 -29.53 -17.54 29.38
N ALA A 431 -28.62 -18.37 29.89
CA ALA A 431 -27.46 -18.77 29.09
C ALA A 431 -27.82 -19.50 27.81
N PRO A 432 -28.73 -20.48 27.79
CA PRO A 432 -29.15 -21.03 26.49
C PRO A 432 -29.74 -19.99 25.56
N MET A 433 -30.49 -19.04 26.10
CA MET A 433 -31.09 -18.00 25.27
C MET A 433 -30.04 -16.99 24.82
N LEU A 434 -29.11 -16.63 25.72
CA LEU A 434 -28.01 -15.74 25.33
C LEU A 434 -27.02 -16.46 24.42
N GLY A 435 -26.74 -17.73 24.69
CA GLY A 435 -25.80 -18.46 23.86
C GLY A 435 -26.29 -18.64 22.43
N PHE A 436 -27.61 -18.78 22.26
CA PHE A 436 -28.17 -18.92 20.93
C PHE A 436 -27.93 -17.66 20.09
N ALA A 437 -28.12 -16.49 20.69
CA ALA A 437 -27.95 -15.25 19.94
C ALA A 437 -26.51 -15.05 19.50
N ASN A 438 -25.54 -15.37 20.37
CA ASN A 438 -24.14 -15.25 19.99
C ASN A 438 -23.78 -16.24 18.89
N SER A 439 -24.27 -17.47 18.98
CA SER A 439 -23.99 -18.46 17.94
C SER A 439 -24.62 -18.05 16.61
N TYR A 440 -25.83 -17.50 16.65
CA TYR A 440 -26.46 -17.01 15.43
C TYR A 440 -25.68 -15.83 14.84
N GLY A 441 -25.24 -14.92 15.70
CA GLY A 441 -24.46 -13.79 15.22
C GLY A 441 -23.11 -14.19 14.68
N THR A 442 -22.47 -15.17 15.31
CA THR A 442 -21.20 -15.68 14.79
C THR A 442 -21.40 -16.41 13.46
N GLY A 443 -22.56 -17.01 13.26
CA GLY A 443 -22.86 -17.67 12.00
C GLY A 443 -23.24 -16.74 10.89
N LEU A 444 -23.28 -15.42 11.15
CA LEU A 444 -23.57 -14.43 10.13
C LEU A 444 -22.32 -13.63 9.76
N THR A 445 -21.67 -13.01 10.74
CA THR A 445 -20.58 -12.09 10.51
C THR A 445 -19.24 -12.58 11.03
N ASP A 446 -19.18 -13.80 11.58
CA ASP A 446 -17.96 -14.40 12.10
C ASP A 446 -17.36 -13.61 13.26
N ILE A 447 -18.15 -12.76 13.92
CA ILE A 447 -17.69 -11.95 15.03
C ILE A 447 -18.32 -12.50 16.30
N ASN A 448 -17.49 -12.91 17.24
CA ASN A 448 -17.96 -13.43 18.52
C ASN A 448 -18.09 -12.29 19.52
N MET A 449 -19.32 -12.03 19.96
CA MET A 449 -19.60 -10.97 20.91
C MET A 449 -19.71 -11.48 22.35
N GLY A 450 -19.20 -12.68 22.62
CA GLY A 450 -19.39 -13.28 23.93
C GLY A 450 -18.86 -12.45 25.08
N TYR A 451 -17.70 -11.82 24.90
CA TYR A 451 -17.15 -10.97 25.95
C TYR A 451 -17.94 -9.69 26.12
N ASN A 452 -18.73 -9.30 25.13
CA ASN A 452 -19.61 -8.13 25.27
C ASN A 452 -20.84 -8.45 26.11
N TYR A 453 -21.34 -9.69 26.03
CA TYR A 453 -22.41 -10.12 26.93
C TYR A 453 -21.93 -10.11 28.37
N GLY A 454 -20.70 -10.54 28.61
CA GLY A 454 -20.18 -10.58 29.97
C GLY A 454 -20.09 -9.20 30.60
N LYS A 455 -19.73 -8.19 29.79
CA LYS A 455 -19.68 -6.82 30.30
C LYS A 455 -21.06 -6.32 30.72
N ILE A 456 -22.09 -6.63 29.94
CA ILE A 456 -23.44 -6.23 30.30
C ILE A 456 -23.92 -7.00 31.53
N ALA A 457 -23.67 -8.31 31.57
CA ALA A 457 -24.08 -9.11 32.72
C ALA A 457 -23.31 -8.68 33.98
N LEU A 458 -22.04 -8.32 33.83
CA LEU A 458 -21.27 -7.84 34.97
C LEU A 458 -21.87 -6.57 35.53
N PHE A 459 -22.27 -5.63 34.65
CA PHE A 459 -22.91 -4.40 35.11
C PHE A 459 -24.26 -4.69 35.75
N VAL A 460 -25.06 -5.57 35.15
CA VAL A 460 -26.40 -5.84 35.66
C VAL A 460 -26.33 -6.56 36.99
N PHE A 461 -25.49 -7.60 37.08
CA PHE A 461 -25.42 -8.38 38.32
C PHE A 461 -24.79 -7.57 39.45
N ALA A 462 -23.90 -6.63 39.13
CA ALA A 462 -23.38 -5.74 40.16
C ALA A 462 -24.47 -4.83 40.71
N GLY A 463 -25.42 -4.42 39.86
CA GLY A 463 -26.54 -3.62 40.32
C GLY A 463 -27.59 -4.39 41.08
N TRP A 464 -27.62 -5.72 40.94
CA TRP A 464 -28.52 -6.56 41.71
C TRP A 464 -28.11 -6.68 43.17
N ALA A 465 -26.91 -6.22 43.53
CA ALA A 465 -26.44 -6.20 44.89
C ALA A 465 -25.99 -4.80 45.26
N GLY A 466 -26.10 -4.46 46.54
CA GLY A 466 -25.75 -3.15 47.01
C GLY A 466 -24.25 -2.92 47.03
N LYS A 467 -23.83 -1.95 47.85
CA LYS A 467 -22.41 -1.68 48.02
C LYS A 467 -21.71 -2.91 48.59
N GLU A 468 -22.31 -3.55 49.57
CA GLU A 468 -21.82 -4.83 50.06
C GLU A 468 -22.00 -5.89 48.98
N ASN A 469 -21.04 -6.83 48.94
CA ASN A 469 -21.01 -8.01 48.06
C ASN A 469 -21.53 -7.74 46.66
N GLY A 470 -21.19 -6.58 46.09
CA GLY A 470 -21.64 -6.22 44.77
C GLY A 470 -20.57 -6.31 43.71
N VAL A 471 -19.34 -5.92 44.05
CA VAL A 471 -18.26 -5.95 43.07
C VAL A 471 -17.88 -7.40 42.74
N ILE A 472 -17.74 -8.24 43.76
CA ILE A 472 -17.41 -9.65 43.52
C ILE A 472 -18.56 -10.35 42.82
N ALA A 473 -19.80 -10.04 43.22
CA ALA A 473 -20.96 -10.66 42.59
C ALA A 473 -21.02 -10.31 41.10
N GLY A 474 -20.73 -9.05 40.75
CA GLY A 474 -20.72 -8.68 39.35
C GLY A 474 -19.60 -9.35 38.57
N LEU A 475 -18.42 -9.44 39.17
CA LEU A 475 -17.29 -10.07 38.48
C LEU A 475 -17.51 -11.57 38.31
N VAL A 476 -17.94 -12.25 39.37
CA VAL A 476 -18.13 -13.70 39.30
C VAL A 476 -19.26 -14.04 38.33
N ALA A 477 -20.39 -13.34 38.43
CA ALA A 477 -21.50 -13.59 37.53
C ALA A 477 -21.17 -13.18 36.10
N GLY A 478 -20.28 -12.18 35.92
CA GLY A 478 -19.84 -11.83 34.59
C GLY A 478 -19.04 -12.93 33.94
N THR A 479 -18.25 -13.68 34.72
CA THR A 479 -17.50 -14.80 34.18
C THR A 479 -18.44 -15.93 33.73
N LEU A 480 -19.51 -16.17 34.50
CA LEU A 480 -20.43 -17.25 34.15
C LEU A 480 -21.12 -16.95 32.82
N VAL A 481 -21.72 -15.77 32.69
CA VAL A 481 -22.45 -15.44 31.46
C VAL A 481 -21.50 -15.42 30.28
N LYS A 482 -20.30 -14.86 30.45
CA LYS A 482 -19.34 -14.81 29.36
C LYS A 482 -18.90 -16.20 28.91
N GLN A 483 -18.67 -17.12 29.84
CA GLN A 483 -18.16 -18.44 29.45
C GLN A 483 -19.18 -19.25 28.66
N LEU A 484 -20.42 -19.38 29.16
CA LEU A 484 -21.41 -20.18 28.45
C LEU A 484 -21.80 -19.56 27.12
N VAL A 485 -21.66 -18.24 26.99
CA VAL A 485 -22.00 -17.58 25.74
C VAL A 485 -20.83 -17.67 24.76
N LEU A 486 -19.62 -17.36 25.23
CA LEU A 486 -18.45 -17.37 24.35
C LEU A 486 -18.10 -18.78 23.91
N ILE A 487 -18.19 -19.76 24.81
CA ILE A 487 -17.85 -21.13 24.46
C ILE A 487 -18.78 -21.67 23.40
N SER A 488 -20.07 -21.35 23.51
CA SER A 488 -21.05 -21.86 22.54
C SER A 488 -20.73 -21.37 21.13
N ALA A 489 -20.40 -20.09 20.98
CA ALA A 489 -20.20 -19.54 19.64
C ALA A 489 -18.90 -20.02 19.00
N ASP A 490 -17.80 -20.03 19.76
CA ASP A 490 -16.53 -20.47 19.19
C ASP A 490 -16.54 -21.95 18.85
N LEU A 491 -17.33 -22.75 19.57
CA LEU A 491 -17.35 -24.18 19.33
C LEU A 491 -18.40 -24.60 18.31
N MET A 492 -19.25 -23.67 17.87
CA MET A 492 -20.02 -23.89 16.65
C MET A 492 -19.19 -23.70 15.40
N GLN A 493 -18.03 -23.04 15.52
CA GLN A 493 -17.09 -22.96 14.40
C GLN A 493 -16.62 -24.35 14.00
N ASP A 494 -16.32 -25.20 14.99
CA ASP A 494 -15.81 -26.54 14.72
C ASP A 494 -16.90 -27.48 14.22
N PHE A 495 -18.15 -27.27 14.64
CA PHE A 495 -19.24 -28.11 14.15
C PHE A 495 -19.51 -27.84 12.68
N LYS A 496 -19.38 -26.59 12.23
CA LYS A 496 -19.42 -26.31 10.79
C LYS A 496 -18.26 -26.96 10.08
N THR A 497 -17.07 -26.95 10.69
CA THR A 497 -15.91 -27.62 10.11
C THR A 497 -16.14 -29.12 10.03
N SER A 498 -16.70 -29.72 11.08
CA SER A 498 -16.97 -31.14 11.06
C SER A 498 -18.07 -31.49 10.05
N TYR A 499 -19.02 -30.58 9.84
CA TYR A 499 -20.08 -30.82 8.86
C TYR A 499 -19.51 -30.92 7.45
N LEU A 500 -18.56 -30.05 7.10
CA LEU A 500 -18.00 -30.06 5.76
C LEU A 500 -16.94 -31.13 5.58
N THR A 501 -16.29 -31.56 6.66
CA THR A 501 -15.29 -32.61 6.59
C THR A 501 -15.88 -34.00 6.85
N GLN A 502 -17.20 -34.10 7.01
CA GLN A 502 -17.89 -35.37 7.21
C GLN A 502 -17.36 -36.08 8.46
N THR A 503 -17.20 -35.33 9.53
CA THR A 503 -16.81 -35.89 10.83
C THR A 503 -18.06 -36.20 11.65
N SER A 504 -18.00 -37.32 12.37
CA SER A 504 -19.14 -37.76 13.15
C SER A 504 -19.40 -36.81 14.31
N PRO A 505 -20.64 -36.31 14.46
CA PRO A 505 -20.92 -35.41 15.60
C PRO A 505 -20.69 -36.06 16.96
N LYS A 506 -20.88 -37.37 17.06
CA LYS A 506 -20.64 -38.05 18.33
C LYS A 506 -19.18 -37.95 18.75
N SER A 507 -18.25 -38.14 17.81
CA SER A 507 -16.84 -38.02 18.13
C SER A 507 -16.45 -36.57 18.39
N MET A 508 -17.17 -35.62 17.79
CA MET A 508 -16.89 -34.21 18.05
C MET A 508 -17.15 -33.86 19.51
N MET A 509 -18.29 -34.31 20.05
CA MET A 509 -18.62 -33.99 21.44
C MET A 509 -17.65 -34.61 22.43
N ILE A 510 -17.12 -35.80 22.12
CA ILE A 510 -16.11 -36.38 22.99
C ILE A 510 -14.86 -35.52 23.02
N ALA A 511 -14.44 -35.02 21.85
CA ALA A 511 -13.32 -34.07 21.82
C ALA A 511 -13.68 -32.76 22.49
N GLN A 512 -14.96 -32.37 22.47
CA GLN A 512 -15.39 -31.19 23.20
C GLN A 512 -15.15 -31.36 24.69
N VAL A 513 -15.59 -32.50 25.25
CA VAL A 513 -15.48 -32.71 26.69
C VAL A 513 -14.03 -32.93 27.09
N VAL A 514 -13.29 -33.73 26.31
CA VAL A 514 -11.89 -34.01 26.65
C VAL A 514 -11.07 -32.72 26.57
N GLY A 515 -11.29 -31.93 25.53
CA GLY A 515 -10.56 -30.67 25.40
C GLY A 515 -10.89 -29.70 26.52
N THR A 516 -12.17 -29.60 26.89
CA THR A 516 -12.56 -28.73 27.98
C THR A 516 -12.03 -29.24 29.31
N ALA A 517 -12.00 -30.56 29.49
CA ALA A 517 -11.50 -31.13 30.74
C ALA A 517 -10.02 -30.81 30.95
N MET A 518 -9.21 -30.94 29.89
CA MET A 518 -7.80 -30.55 30.00
C MET A 518 -7.66 -29.05 30.17
N GLY A 519 -8.52 -28.27 29.50
CA GLY A 519 -8.44 -26.82 29.63
C GLY A 519 -8.71 -26.35 31.05
N CYS A 520 -9.67 -26.99 31.73
CA CYS A 520 -9.96 -26.65 33.11
C CYS A 520 -8.88 -27.08 34.08
N ILE A 521 -7.91 -27.88 33.63
CA ILE A 521 -6.79 -28.31 34.44
C ILE A 521 -5.51 -27.55 34.08
N VAL A 522 -5.22 -27.42 32.78
CA VAL A 522 -3.98 -26.80 32.36
C VAL A 522 -3.99 -25.31 32.67
N SER A 523 -5.07 -24.62 32.34
CA SER A 523 -5.08 -23.16 32.45
C SER A 523 -4.91 -22.67 33.89
N PRO A 524 -5.61 -23.22 34.90
CA PRO A 524 -5.25 -22.85 36.28
C PRO A 524 -3.78 -23.10 36.60
N LEU A 525 -3.23 -24.21 36.14
CA LEU A 525 -1.82 -24.52 36.42
C LEU A 525 -0.90 -23.55 35.69
N THR A 526 -1.19 -23.28 34.41
CA THR A 526 -0.37 -22.35 33.65
C THR A 526 -0.42 -20.94 34.24
N PHE A 527 -1.61 -20.51 34.66
CA PHE A 527 -1.76 -19.15 35.20
C PHE A 527 -0.96 -18.98 36.49
N MET A 528 -1.00 -19.97 37.38
CA MET A 528 -0.32 -19.83 38.67
C MET A 528 1.19 -19.91 38.52
N LEU A 529 1.69 -20.68 37.55
CA LEU A 529 3.12 -20.67 37.28
C LEU A 529 3.57 -19.28 36.83
N PHE A 530 2.78 -18.63 35.98
CA PHE A 530 3.02 -17.23 35.66
C PHE A 530 2.81 -16.34 36.89
N TYR A 531 1.77 -16.62 37.67
CA TYR A 531 1.43 -15.78 38.80
C TYR A 531 2.50 -15.84 39.89
N LYS A 532 2.95 -17.04 40.24
CA LYS A 532 3.93 -17.17 41.32
C LYS A 532 5.29 -16.62 40.90
N ALA A 533 5.73 -16.91 39.68
CA ALA A 533 7.08 -16.55 39.28
C ALA A 533 7.22 -15.05 39.06
N PHE A 534 6.26 -14.43 38.39
CA PHE A 534 6.35 -13.03 38.00
C PHE A 534 5.35 -12.20 38.80
N ASP A 535 5.30 -10.91 38.49
CA ASP A 535 4.45 -9.94 39.17
C ASP A 535 3.50 -9.37 38.12
N ILE A 536 2.25 -9.83 38.14
CA ILE A 536 1.22 -9.40 37.19
C ILE A 536 0.25 -8.49 37.90
N GLY A 537 -0.12 -7.38 37.25
CA GLY A 537 -1.02 -6.40 37.79
C GLY A 537 -0.38 -5.06 38.09
N ASN A 538 0.93 -4.94 37.95
CA ASN A 538 1.61 -3.69 38.23
C ASN A 538 1.40 -2.71 37.07
N PRO A 539 0.81 -1.53 37.29
CA PRO A 539 0.64 -0.58 36.18
C PRO A 539 1.94 -0.15 35.55
N ASP A 540 3.03 -0.10 36.31
CA ASP A 540 4.34 0.29 35.79
C ASP A 540 5.25 -0.94 35.87
N GLY A 541 5.22 -1.74 34.80
CA GLY A 541 6.03 -2.95 34.76
C GLY A 541 5.79 -3.68 33.46
N THR A 542 6.44 -4.85 33.34
CA THR A 542 6.29 -5.66 32.14
C THR A 542 4.96 -6.41 32.14
N TRP A 543 4.70 -7.19 33.20
CA TRP A 543 3.48 -7.96 33.30
C TRP A 543 2.37 -7.07 33.85
N LYS A 544 1.81 -6.26 32.97
CA LYS A 544 0.68 -5.39 33.31
C LYS A 544 -0.59 -5.94 32.67
N ALA A 545 -1.63 -6.10 33.48
CA ALA A 545 -2.92 -6.58 33.01
C ALA A 545 -3.91 -5.43 33.02
N PRO A 546 -3.98 -4.63 31.95
CA PRO A 546 -4.87 -3.46 31.98
C PRO A 546 -6.33 -3.80 32.19
N TYR A 547 -6.80 -4.91 31.63
CA TYR A 547 -8.21 -5.24 31.71
C TYR A 547 -8.63 -5.79 33.07
N ALA A 548 -7.67 -6.19 33.91
CA ALA A 548 -8.02 -6.58 35.27
C ALA A 548 -8.57 -5.40 36.06
N LEU A 549 -7.95 -4.23 35.92
CA LEU A 549 -8.47 -3.03 36.56
C LEU A 549 -9.67 -2.46 35.83
N ILE A 550 -9.71 -2.55 34.50
CA ILE A 550 -10.84 -2.02 33.74
C ILE A 550 -12.11 -2.78 34.08
N TYR A 551 -12.02 -4.11 34.15
CA TYR A 551 -13.19 -4.90 34.53
C TYR A 551 -13.57 -4.66 35.99
N ARG A 552 -12.59 -4.40 36.84
CA ARG A 552 -12.88 -4.05 38.23
C ARG A 552 -13.68 -2.75 38.32
N ASN A 553 -13.33 -1.77 37.49
CA ASN A 553 -14.02 -0.48 37.54
C ASN A 553 -15.46 -0.58 37.08
N MET A 554 -15.75 -1.48 36.12
CA MET A 554 -17.14 -1.65 35.70
C MET A 554 -18.00 -2.18 36.85
N ALA A 555 -17.48 -3.13 37.62
CA ALA A 555 -18.21 -3.61 38.78
C ALA A 555 -18.37 -2.52 39.84
N ILE A 556 -17.32 -1.71 40.04
CA ILE A 556 -17.42 -0.59 40.98
C ILE A 556 -18.43 0.43 40.48
N LEU A 557 -18.43 0.70 39.17
CA LEU A 557 -19.46 1.56 38.60
C LEU A 557 -20.81 0.87 38.60
N GLY A 558 -20.84 -0.46 38.53
CA GLY A 558 -22.07 -1.21 38.40
C GLY A 558 -22.84 -1.45 39.69
N VAL A 559 -22.24 -1.22 40.85
CA VAL A 559 -22.96 -1.43 42.11
C VAL A 559 -24.11 -0.44 42.21
N GLU A 560 -23.90 0.79 41.73
CA GLU A 560 -25.01 1.71 41.54
C GLU A 560 -25.89 1.22 40.40
N GLY A 561 -27.19 1.46 40.52
CA GLY A 561 -28.15 0.89 39.59
C GLY A 561 -28.10 1.47 38.20
N PHE A 562 -29.21 1.35 37.48
CA PHE A 562 -29.29 1.87 36.11
C PHE A 562 -29.36 3.39 36.06
N SER A 563 -29.26 4.08 37.20
CA SER A 563 -29.27 5.53 37.21
C SER A 563 -27.98 6.11 36.64
N VAL A 564 -26.87 5.40 36.78
CA VAL A 564 -25.59 5.89 36.28
C VAL A 564 -25.52 5.89 34.76
N LEU A 565 -26.43 5.20 34.08
CA LEU A 565 -26.44 5.21 32.64
C LEU A 565 -26.75 6.61 32.12
N PRO A 566 -26.22 6.99 30.96
CA PRO A 566 -26.47 8.33 30.43
C PRO A 566 -27.94 8.56 30.15
N LYS A 567 -28.27 9.83 29.95
CA LYS A 567 -29.66 10.23 29.80
C LYS A 567 -30.25 9.65 28.51
N TYR A 568 -31.49 9.16 28.60
CA TYR A 568 -32.21 8.49 27.51
C TYR A 568 -31.53 7.22 27.02
N CYS A 569 -30.63 6.63 27.82
CA CYS A 569 -29.95 5.42 27.37
C CYS A 569 -30.92 4.25 27.27
N ILE A 570 -31.80 4.08 28.25
CA ILE A 570 -32.76 2.99 28.21
C ILE A 570 -33.82 3.22 27.14
N VAL A 571 -34.25 4.47 26.98
CA VAL A 571 -35.32 4.77 26.02
C VAL A 571 -34.87 4.43 24.60
N ILE A 572 -33.64 4.83 24.24
CA ILE A 572 -33.14 4.54 22.91
C ILE A 572 -32.89 3.04 22.75
N SER A 573 -32.39 2.38 23.79
CA SER A 573 -32.18 0.94 23.73
C SER A 573 -33.49 0.20 23.55
N GLY A 574 -34.54 0.62 24.26
CA GLY A 574 -35.84 -0.01 24.08
C GLY A 574 -36.40 0.21 22.69
N GLY A 575 -36.15 1.39 22.12
CA GLY A 575 -36.59 1.65 20.76
C GLY A 575 -35.90 0.75 19.74
N PHE A 576 -34.60 0.52 19.93
CA PHE A 576 -33.87 -0.37 19.04
C PHE A 576 -34.21 -1.84 19.27
N PHE A 577 -34.59 -2.21 20.50
CA PHE A 577 -35.07 -3.56 20.76
C PHE A 577 -36.35 -3.83 19.97
N ALA A 578 -37.28 -2.87 19.97
CA ALA A 578 -38.51 -3.03 19.21
C ALA A 578 -38.24 -2.98 17.71
N PHE A 579 -37.35 -2.08 17.28
CA PHE A 579 -37.05 -1.97 15.86
C PHE A 579 -36.40 -3.25 15.34
N ALA A 580 -35.53 -3.86 16.14
CA ALA A 580 -34.93 -5.14 15.75
C ALA A 580 -35.99 -6.23 15.62
N ALA A 581 -36.96 -6.25 16.54
CA ALA A 581 -38.02 -7.24 16.47
C ALA A 581 -38.91 -7.04 15.25
N ILE A 582 -39.19 -5.79 14.89
CA ILE A 582 -40.07 -5.51 13.75
C ILE A 582 -39.46 -6.05 12.47
N LEU A 583 -38.15 -5.86 12.28
CA LEU A 583 -37.49 -6.40 11.10
C LEU A 583 -37.60 -7.92 11.05
N SER A 584 -37.43 -8.58 12.19
CA SER A 584 -37.60 -10.03 12.24
C SER A 584 -39.04 -10.42 11.93
N ILE A 585 -40.01 -9.65 12.44
CA ILE A 585 -41.40 -9.84 12.03
C ILE A 585 -41.57 -9.59 10.54
N THR A 586 -41.01 -8.49 10.05
CA THR A 586 -41.25 -8.09 8.67
C THR A 586 -40.63 -9.06 7.68
N ARG A 587 -39.45 -9.59 7.97
CA ARG A 587 -38.77 -10.52 7.07
C ARG A 587 -39.52 -11.84 6.91
N ASP A 588 -40.11 -12.36 7.99
CA ASP A 588 -40.73 -13.68 7.95
C ASP A 588 -42.20 -13.64 7.56
N VAL A 589 -42.78 -12.47 7.31
CA VAL A 589 -44.21 -12.38 7.04
C VAL A 589 -44.46 -12.12 5.56
N MET A 590 -43.54 -11.42 4.90
CA MET A 590 -43.72 -11.12 3.49
C MET A 590 -43.35 -12.33 2.63
N PRO A 591 -43.80 -12.35 1.38
CA PRO A 591 -43.31 -13.37 0.44
C PRO A 591 -41.81 -13.24 0.23
N HIS A 592 -41.19 -14.35 -0.15
CA HIS A 592 -39.74 -14.40 -0.30
C HIS A 592 -39.21 -13.42 -1.33
N LYS A 593 -40.04 -13.02 -2.30
CA LYS A 593 -39.59 -12.10 -3.34
C LYS A 593 -39.59 -10.65 -2.90
N TYR A 594 -40.04 -10.37 -1.66
CA TYR A 594 -39.67 -9.15 -0.96
C TYR A 594 -38.81 -9.39 0.27
N ALA A 595 -38.77 -10.62 0.79
CA ALA A 595 -38.13 -10.86 2.07
C ALA A 595 -36.61 -10.84 2.01
N LYS A 596 -36.03 -10.92 0.81
CA LYS A 596 -34.57 -10.95 0.70
C LYS A 596 -33.94 -9.56 0.75
N TYR A 597 -34.75 -8.50 0.71
CA TYR A 597 -34.23 -7.13 0.86
C TYR A 597 -34.26 -6.63 2.29
N VAL A 598 -34.75 -7.42 3.24
CA VAL A 598 -34.87 -6.98 4.63
C VAL A 598 -33.52 -7.12 5.31
N PRO A 599 -32.95 -6.04 5.85
CA PRO A 599 -31.67 -6.14 6.56
C PRO A 599 -31.79 -6.97 7.83
N LEU A 600 -30.70 -7.65 8.17
CA LEU A 600 -30.67 -8.52 9.34
C LEU A 600 -30.36 -7.69 10.59
N PRO A 601 -31.22 -7.71 11.61
CA PRO A 601 -31.02 -6.79 12.75
C PRO A 601 -29.71 -6.98 13.49
N MET A 602 -29.22 -8.21 13.66
CA MET A 602 -28.01 -8.40 14.45
C MET A 602 -26.74 -8.45 13.59
N ALA A 603 -26.85 -8.49 12.26
CA ALA A 603 -25.72 -8.13 11.43
C ALA A 603 -25.48 -6.62 11.47
N MET A 604 -26.56 -5.85 11.68
CA MET A 604 -26.44 -4.42 11.89
C MET A 604 -25.74 -4.09 13.20
N ALA A 605 -25.94 -4.92 14.23
CA ALA A 605 -25.50 -4.56 15.57
C ALA A 605 -24.00 -4.74 15.77
N VAL A 606 -23.34 -5.52 14.92
CA VAL A 606 -21.90 -5.72 15.08
C VAL A 606 -21.11 -4.43 14.93
N PRO A 607 -21.33 -3.60 13.90
CA PRO A 607 -20.58 -2.33 13.81
C PRO A 607 -21.01 -1.28 14.81
N PHE A 608 -21.90 -1.59 15.77
CA PHE A 608 -22.22 -0.62 16.80
C PHE A 608 -21.12 -0.49 17.83
N LEU A 609 -20.38 -1.57 18.08
CA LEU A 609 -19.25 -1.56 19.00
C LEU A 609 -17.91 -1.44 18.27
N VAL A 610 -17.67 -2.29 17.28
CA VAL A 610 -16.50 -2.12 16.42
C VAL A 610 -16.78 -1.02 15.40
N GLY A 611 -15.74 -0.58 14.73
CA GLY A 611 -15.88 0.50 13.77
C GLY A 611 -16.55 0.05 12.48
N GLY A 612 -16.74 1.01 11.59
CA GLY A 612 -17.28 0.74 10.28
C GLY A 612 -16.27 0.23 9.28
N SER A 613 -15.00 0.13 9.67
CA SER A 613 -13.99 -0.46 8.79
C SER A 613 -14.29 -1.93 8.53
N PHE A 614 -14.75 -2.65 9.56
CA PHE A 614 -15.13 -4.04 9.37
C PHE A 614 -16.29 -4.16 8.38
N ALA A 615 -17.24 -3.22 8.44
CA ALA A 615 -18.34 -3.21 7.48
C ALA A 615 -17.84 -2.95 6.06
N ILE A 616 -16.89 -2.04 5.90
CA ILE A 616 -16.37 -1.72 4.57
C ILE A 616 -15.62 -2.90 3.99
N ASP A 617 -14.83 -3.58 4.82
CA ASP A 617 -14.09 -4.76 4.34
C ASP A 617 -15.03 -5.86 3.88
N MET A 618 -16.10 -6.11 4.64
CA MET A 618 -17.05 -7.15 4.26
C MET A 618 -17.74 -6.80 2.95
N CYS A 619 -18.11 -5.53 2.75
CA CYS A 619 -18.76 -5.12 1.52
C CYS A 619 -17.82 -5.19 0.33
N LEU A 620 -16.52 -4.92 0.55
CA LEU A 620 -15.56 -5.09 -0.54
C LEU A 620 -15.47 -6.55 -0.98
N GLY A 621 -15.53 -7.47 -0.02
CA GLY A 621 -15.55 -8.88 -0.39
C GLY A 621 -16.79 -9.27 -1.19
N SER A 622 -17.95 -8.71 -0.82
CA SER A 622 -19.16 -8.96 -1.59
C SER A 622 -19.08 -8.33 -2.97
N LEU A 623 -18.44 -7.17 -3.08
CA LEU A 623 -18.25 -6.53 -4.38
C LEU A 623 -17.38 -7.39 -5.29
N ILE A 624 -16.33 -8.02 -4.74
CA ILE A 624 -15.47 -8.88 -5.53
C ILE A 624 -16.25 -10.07 -6.06
N VAL A 625 -17.08 -10.69 -5.22
CA VAL A 625 -17.87 -11.83 -5.65
C VAL A 625 -18.92 -11.40 -6.67
N PHE A 626 -19.54 -10.23 -6.46
CA PHE A 626 -20.54 -9.74 -7.41
C PHE A 626 -19.93 -9.52 -8.79
N ALA A 627 -18.75 -8.90 -8.84
CA ALA A 627 -18.08 -8.70 -10.13
C ALA A 627 -17.60 -10.03 -10.71
N TRP A 628 -17.07 -10.91 -9.88
CA TRP A 628 -16.57 -12.19 -10.36
C TRP A 628 -17.70 -13.04 -10.94
N THR A 629 -18.87 -13.04 -10.30
CA THR A 629 -19.99 -13.84 -10.80
C THR A 629 -20.45 -13.34 -12.17
N LYS A 630 -20.53 -12.02 -12.36
CA LYS A 630 -20.94 -11.48 -13.64
C LYS A 630 -19.93 -11.81 -14.74
N ILE A 631 -18.64 -11.68 -14.44
CA ILE A 631 -17.61 -11.92 -15.45
C ILE A 631 -17.59 -13.40 -15.85
N ASN A 632 -17.61 -14.29 -14.87
CA ASN A 632 -17.55 -15.73 -15.13
C ASN A 632 -18.41 -16.44 -14.09
N LYS A 633 -19.64 -16.80 -14.49
CA LYS A 633 -20.56 -17.46 -13.57
C LYS A 633 -20.04 -18.83 -13.15
N LYS A 634 -19.46 -19.58 -14.09
CA LYS A 634 -19.08 -20.96 -13.82
C LYS A 634 -17.89 -21.02 -12.86
N GLU A 635 -16.85 -20.23 -13.12
CA GLU A 635 -15.64 -20.29 -12.30
C GLU A 635 -15.91 -19.77 -10.89
N ALA A 636 -16.70 -18.70 -10.77
CA ALA A 636 -16.99 -18.14 -9.46
C ALA A 636 -17.82 -19.08 -8.59
N GLY A 637 -18.43 -20.10 -9.19
CA GLY A 637 -19.24 -21.03 -8.41
C GLY A 637 -18.43 -21.84 -7.43
N PHE A 638 -17.27 -22.35 -7.85
CA PHE A 638 -16.46 -23.24 -7.03
C PHE A 638 -15.12 -22.66 -6.63
N MET A 639 -14.72 -21.51 -7.17
CA MET A 639 -13.45 -20.90 -6.81
C MET A 639 -13.58 -19.80 -5.76
N VAL A 640 -14.76 -19.23 -5.58
CA VAL A 640 -14.95 -18.21 -4.54
C VAL A 640 -14.69 -18.77 -3.14
N PRO A 641 -15.23 -19.93 -2.74
CA PRO A 641 -14.89 -20.46 -1.41
C PRO A 641 -13.41 -20.76 -1.23
N ALA A 642 -12.71 -21.20 -2.28
CA ALA A 642 -11.29 -21.50 -2.14
C ALA A 642 -10.46 -20.23 -1.98
N VAL A 643 -10.77 -19.19 -2.77
CA VAL A 643 -10.04 -17.94 -2.68
C VAL A 643 -10.34 -17.25 -1.34
N ALA A 644 -11.60 -17.24 -0.93
CA ALA A 644 -11.97 -16.61 0.33
C ALA A 644 -11.31 -17.31 1.52
N SER A 645 -11.28 -18.65 1.50
CA SER A 645 -10.65 -19.38 2.58
C SER A 645 -9.16 -19.12 2.63
N ALA A 646 -8.51 -18.99 1.47
CA ALA A 646 -7.07 -18.71 1.44
C ALA A 646 -6.78 -17.34 2.06
N LEU A 647 -7.62 -16.35 1.78
CA LEU A 647 -7.42 -15.03 2.36
C LEU A 647 -7.58 -15.08 3.88
N ILE A 648 -8.58 -15.82 4.37
CA ILE A 648 -8.77 -15.95 5.81
C ILE A 648 -7.64 -16.75 6.43
N CYS A 649 -7.26 -17.87 5.81
CA CYS A 649 -6.24 -18.73 6.38
C CYS A 649 -4.87 -18.05 6.37
N GLY A 650 -4.55 -17.32 5.29
CA GLY A 650 -3.26 -16.67 5.22
C GLY A 650 -3.05 -15.66 6.32
N ASP A 651 -4.05 -14.82 6.59
CA ASP A 651 -3.97 -13.91 7.73
C ASP A 651 -4.04 -14.67 9.05
N GLY A 652 -4.81 -15.76 9.09
CA GLY A 652 -4.91 -16.53 10.31
C GLY A 652 -3.62 -17.24 10.66
N ILE A 653 -2.90 -17.74 9.65
CA ILE A 653 -1.65 -18.45 9.91
C ILE A 653 -0.59 -17.50 10.45
N TRP A 654 -0.49 -16.30 9.88
CA TRP A 654 0.50 -15.33 10.35
C TRP A 654 0.28 -14.93 11.80
N THR A 655 -0.93 -15.11 12.33
CA THR A 655 -1.20 -14.75 13.71
C THR A 655 -0.34 -15.55 14.68
N PHE A 656 0.12 -16.75 14.27
CA PHE A 656 0.98 -17.54 15.15
C PHE A 656 2.39 -16.96 15.24
N PRO A 657 3.13 -16.74 14.14
CA PRO A 657 4.44 -16.10 14.29
C PRO A 657 4.38 -14.71 14.89
N ALA A 658 3.30 -13.96 14.62
CA ALA A 658 3.17 -12.63 15.22
C ALA A 658 3.04 -12.72 16.74
N SER A 659 2.36 -13.75 17.24
CA SER A 659 2.24 -13.94 18.68
C SER A 659 3.58 -14.32 19.30
N ILE A 660 4.38 -15.11 18.59
CA ILE A 660 5.70 -15.49 19.10
C ILE A 660 6.61 -14.27 19.16
N LEU A 661 6.50 -13.37 18.18
CA LEU A 661 7.29 -12.15 18.21
C LEU A 661 6.93 -11.28 19.41
N ALA A 662 5.64 -11.16 19.71
CA ALA A 662 5.23 -10.45 20.91
C ALA A 662 5.59 -11.21 22.17
N LEU A 663 5.66 -12.54 22.08
CA LEU A 663 6.08 -13.34 23.22
C LEU A 663 7.53 -13.06 23.60
N ALA A 664 8.39 -12.86 22.59
CA ALA A 664 9.79 -12.54 22.81
C ALA A 664 10.06 -11.05 22.89
N LYS A 665 9.01 -10.23 22.88
CA LYS A 665 9.13 -8.77 22.98
C LYS A 665 9.93 -8.19 21.83
N ILE A 666 9.56 -8.58 20.60
CA ILE A 666 10.16 -8.04 19.38
C ILE A 666 9.10 -7.15 18.75
N LYS A 667 9.26 -5.84 18.94
CA LYS A 667 8.31 -4.84 18.47
C LYS A 667 8.61 -4.43 17.03
N PRO A 668 7.59 -4.01 16.28
CA PRO A 668 7.81 -3.55 14.90
C PRO A 668 8.74 -2.35 14.88
N PRO A 669 9.60 -2.26 13.86
CA PRO A 669 10.61 -1.19 13.85
C PRO A 669 10.09 0.16 13.38
N ILE A 670 9.10 0.16 12.49
CA ILE A 670 8.62 1.38 11.85
C ILE A 670 7.16 1.60 12.21
N CYS A 671 6.77 2.86 12.26
CA CYS A 671 5.39 3.26 12.53
C CYS A 671 4.93 4.18 11.41
N MET A 672 3.98 3.71 10.61
CA MET A 672 3.46 4.46 9.46
C MET A 672 2.34 5.37 9.94
N LYS A 673 2.68 6.63 10.20
CA LYS A 673 1.72 7.61 10.69
C LYS A 673 1.13 8.41 9.53
N PHE A 674 -0.09 8.89 9.73
CA PHE A 674 -0.78 9.75 8.77
C PHE A 674 -1.11 11.07 9.46
N LEU A 675 -0.72 12.18 8.83
CA LEU A 675 -0.90 13.49 9.42
C LEU A 675 -1.57 14.43 8.43
N PRO A 676 -2.31 15.45 8.92
CA PRO A 676 -3.04 16.35 8.03
C PRO A 676 -2.17 17.39 7.33
N ALA A 677 -1.09 16.93 6.70
CA ALA A 677 -0.18 17.78 5.95
C ALA A 677 0.34 18.94 6.81
N ALA A 678 0.67 18.62 8.06
CA ALA A 678 1.17 19.63 9.00
C ALA A 678 2.62 20.00 8.69
N TRP B 45 5.56 11.63 -46.51
CA TRP B 45 6.09 12.99 -46.49
C TRP B 45 4.95 14.00 -46.46
N GLN B 46 3.87 13.69 -47.18
CA GLN B 46 2.63 14.45 -47.09
C GLN B 46 1.53 13.53 -46.61
N ASP B 47 0.34 14.10 -46.46
CA ASP B 47 -0.86 13.51 -45.83
C ASP B 47 -0.66 13.42 -44.33
N GLU B 48 0.53 13.76 -43.82
CA GLU B 48 0.79 13.80 -42.39
C GLU B 48 0.95 15.22 -41.86
N LEU B 49 1.27 16.18 -42.72
CA LEU B 49 1.38 17.59 -42.35
C LEU B 49 0.08 18.27 -42.79
N THR B 50 -0.74 18.65 -41.82
CA THR B 50 -2.05 19.24 -42.10
C THR B 50 -2.18 20.57 -41.38
N VAL B 51 -3.07 21.41 -41.91
CA VAL B 51 -3.33 22.71 -41.29
C VAL B 51 -3.99 22.54 -39.92
N ARG B 52 -4.91 21.58 -39.80
CA ARG B 52 -5.53 21.32 -38.51
C ARG B 52 -4.50 20.81 -37.51
N GLY B 53 -3.53 20.02 -37.98
CA GLY B 53 -2.47 19.58 -37.10
C GLY B 53 -1.60 20.71 -36.60
N LEU B 54 -1.31 21.69 -37.48
CA LEU B 54 -0.55 22.86 -37.05
C LEU B 54 -1.29 23.65 -35.98
N VAL B 55 -2.60 23.85 -36.16
CA VAL B 55 -3.38 24.56 -35.16
C VAL B 55 -3.43 23.76 -33.86
N ALA B 56 -3.64 22.44 -33.96
CA ALA B 56 -3.70 21.61 -32.76
C ALA B 56 -2.37 21.62 -32.02
N ALA B 57 -1.26 21.51 -32.76
CA ALA B 57 0.06 21.52 -32.12
C ALA B 57 0.35 22.88 -31.50
N LEU B 58 -0.06 23.97 -32.16
CA LEU B 58 0.17 25.29 -31.60
C LEU B 58 -0.59 25.48 -30.29
N LEU B 59 -1.84 25.01 -30.24
CA LEU B 59 -2.60 25.12 -29.00
C LEU B 59 -2.01 24.25 -27.90
N ILE B 60 -1.75 22.98 -28.20
CA ILE B 60 -1.21 22.07 -27.19
C ILE B 60 0.12 22.59 -26.66
N GLY B 61 0.95 23.15 -27.54
CA GLY B 61 2.20 23.73 -27.09
C GLY B 61 2.00 24.95 -26.20
N PHE B 62 0.97 25.75 -26.47
CA PHE B 62 0.77 26.98 -25.70
C PHE B 62 0.36 26.69 -24.27
N ILE B 63 -0.65 25.83 -24.08
CA ILE B 63 -1.08 25.48 -22.73
C ILE B 63 0.02 24.75 -21.98
N TYR B 64 0.69 23.80 -22.65
CA TYR B 64 1.75 23.05 -21.99
C TYR B 64 2.92 23.95 -21.62
N THR B 65 3.15 25.02 -22.39
CA THR B 65 4.16 26.00 -22.00
C THR B 65 3.74 26.75 -20.75
N VAL B 66 2.47 27.14 -20.65
CA VAL B 66 1.98 27.85 -19.48
C VAL B 66 2.06 26.96 -18.24
N ILE B 67 1.69 25.68 -18.38
CA ILE B 67 1.79 24.75 -17.26
C ILE B 67 3.23 24.57 -16.83
N VAL B 68 4.13 24.38 -17.80
CA VAL B 68 5.55 24.19 -17.49
C VAL B 68 6.15 25.46 -16.90
N MET B 69 5.83 26.61 -17.48
CA MET B 69 6.45 27.86 -17.04
C MET B 69 6.01 28.24 -15.63
N LYS B 70 4.72 28.08 -15.33
CA LYS B 70 4.23 28.42 -13.99
C LYS B 70 4.83 27.51 -12.93
N ILE B 71 4.95 26.21 -13.22
CA ILE B 71 5.57 25.30 -12.26
C ILE B 71 7.05 25.59 -12.12
N ALA B 72 7.72 25.96 -13.21
CA ALA B 72 9.15 26.24 -13.17
C ALA B 72 9.44 27.46 -12.29
N LEU B 73 8.60 28.49 -12.37
CA LEU B 73 8.83 29.73 -11.64
C LEU B 73 8.30 29.68 -10.21
N THR B 74 7.68 28.58 -9.79
CA THR B 74 7.16 28.45 -8.43
C THR B 74 7.88 27.38 -7.62
N THR B 75 8.14 26.22 -8.21
CA THR B 75 8.85 25.15 -7.51
C THR B 75 10.07 24.63 -8.25
N GLY B 76 10.13 24.76 -9.58
CA GLY B 76 11.24 24.26 -10.34
C GLY B 76 11.18 22.77 -10.65
N LEU B 77 10.14 22.07 -10.22
CA LEU B 77 9.99 20.64 -10.46
C LEU B 77 9.05 20.45 -11.66
N VAL B 78 9.60 20.71 -12.84
CA VAL B 78 8.85 20.53 -14.09
C VAL B 78 8.63 19.04 -14.33
N PRO B 79 7.40 18.60 -14.57
CA PRO B 79 7.15 17.18 -14.79
C PRO B 79 7.24 16.81 -16.26
N THR B 80 7.32 15.50 -16.51
CA THR B 80 7.33 14.97 -17.86
C THR B 80 5.90 14.87 -18.39
N LEU B 81 5.64 15.51 -19.53
CA LEU B 81 4.29 15.61 -20.07
C LEU B 81 4.19 15.12 -21.51
N ASN B 82 5.18 14.36 -21.98
CA ASN B 82 5.15 13.88 -23.37
C ASN B 82 4.01 12.91 -23.61
N VAL B 83 3.78 12.00 -22.66
CA VAL B 83 2.72 11.01 -22.82
C VAL B 83 1.35 11.68 -22.86
N SER B 84 1.13 12.66 -21.98
CA SER B 84 -0.15 13.34 -21.93
C SER B 84 -0.42 14.12 -23.22
N ALA B 85 0.64 14.59 -23.89
CA ALA B 85 0.47 15.33 -25.13
C ALA B 85 -0.08 14.43 -26.23
N ALA B 86 0.29 13.14 -26.23
CA ALA B 86 -0.23 12.22 -27.22
C ALA B 86 -1.74 12.03 -27.06
N LEU B 87 -2.21 11.91 -25.82
CA LEU B 87 -3.64 11.75 -25.58
C LEU B 87 -4.40 13.01 -25.95
N LEU B 88 -3.89 14.18 -25.56
CA LEU B 88 -4.58 15.43 -25.88
C LEU B 88 -4.59 15.69 -27.37
N SER B 89 -3.51 15.37 -28.08
CA SER B 89 -3.50 15.51 -29.53
C SER B 89 -4.54 14.60 -30.17
N PHE B 90 -4.70 13.39 -29.63
CA PHE B 90 -5.70 12.46 -30.15
C PHE B 90 -7.11 12.98 -29.90
N LEU B 91 -7.40 13.40 -28.67
CA LEU B 91 -8.76 13.84 -28.35
C LEU B 91 -9.14 15.10 -29.11
N ALA B 92 -8.21 16.05 -29.24
CA ALA B 92 -8.53 17.32 -29.88
C ALA B 92 -8.89 17.11 -31.35
N LEU B 93 -8.13 16.28 -32.06
CA LEU B 93 -8.36 16.10 -33.48
C LEU B 93 -9.57 15.21 -33.76
N ARG B 94 -9.76 14.16 -32.95
CA ARG B 94 -10.96 13.34 -33.10
C ARG B 94 -12.22 14.14 -32.76
N GLY B 95 -12.13 15.01 -31.74
CA GLY B 95 -13.25 15.88 -31.43
C GLY B 95 -13.56 16.84 -32.55
N TRP B 96 -12.53 17.41 -33.17
CA TRP B 96 -12.75 18.33 -34.28
C TRP B 96 -13.39 17.65 -35.48
N THR B 97 -12.93 16.44 -35.81
CA THR B 97 -13.51 15.72 -36.94
C THR B 97 -14.96 15.33 -36.66
N ARG B 98 -15.25 14.90 -35.44
CA ARG B 98 -16.63 14.52 -35.11
C ARG B 98 -17.54 15.73 -35.05
N LEU B 99 -17.05 16.84 -34.51
CA LEU B 99 -17.86 18.06 -34.45
C LEU B 99 -18.20 18.55 -35.85
N LEU B 100 -17.25 18.49 -36.77
CA LEU B 100 -17.51 18.86 -38.16
C LEU B 100 -18.48 17.87 -38.82
N GLU B 101 -18.36 16.58 -38.50
CA GLU B 101 -19.30 15.60 -39.03
C GLU B 101 -20.71 15.85 -38.48
N ARG B 102 -20.81 16.29 -37.23
CA ARG B 102 -22.11 16.62 -36.66
C ARG B 102 -22.74 17.80 -37.41
N PHE B 103 -21.94 18.78 -37.79
CA PHE B 103 -22.42 19.93 -38.55
C PHE B 103 -22.50 19.67 -40.04
N GLY B 104 -22.14 18.47 -40.49
CA GLY B 104 -22.21 18.12 -41.90
C GLY B 104 -20.94 18.35 -42.69
N VAL B 105 -19.93 18.98 -42.09
CA VAL B 105 -18.68 19.23 -42.80
C VAL B 105 -17.86 17.95 -42.85
N VAL B 106 -17.40 17.58 -44.03
CA VAL B 106 -16.60 16.39 -44.26
C VAL B 106 -15.12 16.76 -44.14
N SER B 107 -14.33 15.87 -43.54
CA SER B 107 -12.92 16.13 -43.32
C SER B 107 -12.12 14.87 -43.62
N ARG B 108 -10.83 15.08 -43.88
CA ARG B 108 -9.93 13.98 -44.15
C ARG B 108 -9.78 13.11 -42.89
N PRO B 109 -9.69 11.78 -43.05
CA PRO B 109 -9.52 10.92 -41.88
C PRO B 109 -8.24 11.22 -41.12
N PHE B 110 -8.32 11.07 -39.80
CA PHE B 110 -7.21 11.36 -38.90
C PHE B 110 -6.50 10.05 -38.56
N THR B 111 -5.34 9.84 -39.17
CA THR B 111 -4.60 8.59 -39.03
C THR B 111 -3.59 8.70 -37.90
N ARG B 112 -2.88 7.59 -37.65
CA ARG B 112 -1.88 7.56 -36.60
C ARG B 112 -0.64 8.35 -36.98
N GLN B 113 -0.31 8.43 -38.27
CA GLN B 113 0.85 9.20 -38.71
C GLN B 113 0.66 10.68 -38.41
N GLU B 114 -0.55 11.20 -38.63
CA GLU B 114 -0.83 12.59 -38.30
C GLU B 114 -0.80 12.81 -36.80
N ASN B 115 -1.21 11.81 -36.01
CA ASN B 115 -1.16 11.93 -34.56
C ASN B 115 0.28 12.04 -34.06
N THR B 116 1.20 11.28 -34.67
CA THR B 116 2.60 11.37 -34.30
C THR B 116 3.17 12.74 -34.64
N ILE B 117 2.76 13.30 -35.79
CA ILE B 117 3.26 14.62 -36.20
C ILE B 117 2.79 15.69 -35.22
N VAL B 118 1.52 15.65 -34.84
CA VAL B 118 0.98 16.65 -33.93
C VAL B 118 1.63 16.53 -32.55
N GLN B 119 1.79 15.30 -32.06
CA GLN B 119 2.43 15.12 -30.76
C GLN B 119 3.88 15.58 -30.79
N THR B 120 4.60 15.24 -31.86
CA THR B 120 6.01 15.65 -31.96
C THR B 120 6.14 17.16 -32.08
N CYS B 121 5.29 17.79 -32.89
CA CYS B 121 5.32 19.24 -33.01
C CYS B 121 4.96 19.93 -31.71
N GLY B 122 3.96 19.39 -31.00
CA GLY B 122 3.57 19.98 -29.73
C GLY B 122 4.64 19.83 -28.66
N VAL B 123 5.32 18.69 -28.63
CA VAL B 123 6.35 18.45 -27.62
C VAL B 123 7.52 19.43 -27.81
N ALA B 124 7.94 19.64 -29.06
CA ALA B 124 9.05 20.55 -29.31
C ALA B 124 8.72 21.98 -28.92
N CYS B 125 7.44 22.34 -28.91
CA CYS B 125 7.05 23.71 -28.59
C CYS B 125 7.27 24.02 -27.11
N TYR B 126 6.81 23.13 -26.21
CA TYR B 126 6.92 23.39 -24.79
C TYR B 126 8.20 22.84 -24.17
N THR B 127 8.99 22.07 -24.93
CA THR B 127 10.27 21.62 -24.40
C THR B 127 11.23 22.79 -24.20
N ILE B 128 11.16 23.79 -25.08
CA ILE B 128 12.00 24.98 -24.96
C ILE B 128 11.74 25.72 -23.66
N ALA B 129 10.53 25.58 -23.09
CA ALA B 129 10.18 26.31 -21.88
C ALA B 129 11.10 25.96 -20.72
N PHE B 130 11.42 24.67 -20.56
CA PHE B 130 12.31 24.25 -19.49
C PHE B 130 13.71 23.88 -19.98
N ALA B 131 13.87 23.53 -21.25
CA ALA B 131 15.21 23.29 -21.79
C ALA B 131 15.99 24.59 -21.99
N GLY B 132 15.30 25.72 -22.16
CA GLY B 132 15.94 27.00 -22.32
C GLY B 132 16.39 27.65 -21.03
N GLY B 133 16.14 27.02 -19.89
CA GLY B 133 16.55 27.57 -18.61
C GLY B 133 15.82 28.85 -18.23
N PHE B 134 14.51 28.91 -18.50
CA PHE B 134 13.76 30.11 -18.16
C PHE B 134 13.57 30.26 -16.66
N GLY B 135 13.46 29.14 -15.94
CA GLY B 135 13.33 29.16 -14.51
C GLY B 135 14.59 28.83 -13.74
N SER B 136 15.66 28.41 -14.41
CA SER B 136 16.90 28.04 -13.74
C SER B 136 18.06 28.95 -14.11
N THR B 137 18.37 29.11 -15.40
CA THR B 137 19.59 29.80 -15.81
C THR B 137 19.32 31.21 -16.33
N LEU B 138 18.42 31.36 -17.30
CA LEU B 138 18.13 32.69 -17.83
C LEU B 138 17.54 33.60 -16.76
N LEU B 139 16.81 33.04 -15.81
CA LEU B 139 16.32 33.83 -14.68
C LEU B 139 17.41 34.10 -13.66
N GLY B 140 18.51 33.36 -13.70
CA GLY B 140 19.63 33.64 -12.82
C GLY B 140 20.46 34.83 -13.24
N LEU B 141 20.21 35.38 -14.43
CA LEU B 141 20.92 36.56 -14.93
C LEU B 141 20.28 37.86 -14.50
N ASN B 142 19.09 37.83 -13.90
CA ASN B 142 18.40 39.07 -13.57
C ASN B 142 19.05 39.72 -12.34
N LYS B 143 18.62 40.97 -12.09
CA LYS B 143 19.21 41.73 -10.98
C LYS B 143 18.79 41.17 -9.64
N LYS B 144 17.58 40.60 -9.55
CA LYS B 144 17.10 40.08 -8.27
C LYS B 144 18.00 38.95 -7.76
N THR B 145 18.38 38.03 -8.64
CA THR B 145 19.24 36.93 -8.22
C THR B 145 20.64 37.43 -7.87
N TYR B 146 21.10 38.49 -8.55
CA TYR B 146 22.40 39.05 -8.26
C TYR B 146 22.46 39.60 -6.83
N GLU B 147 21.40 40.29 -6.41
CA GLU B 147 21.36 40.83 -5.06
C GLU B 147 21.23 39.72 -4.02
N LEU B 148 20.40 38.71 -4.30
CA LEU B 148 20.23 37.61 -3.36
C LEU B 148 21.51 36.83 -3.17
N ALA B 149 22.32 36.70 -4.21
CA ALA B 149 23.57 35.94 -4.12
C ALA B 149 24.56 36.61 -3.17
N GLY B 150 24.46 37.92 -3.00
CA GLY B 150 25.34 38.63 -2.10
C GLY B 150 26.65 39.04 -2.76
N ASP B 151 27.52 39.62 -1.94
CA ASP B 151 28.82 40.09 -2.39
C ASP B 151 29.85 39.00 -2.16
N SER B 152 30.50 38.56 -3.24
CA SER B 152 31.52 37.53 -3.18
C SER B 152 32.41 37.66 -4.41
N PRO B 153 33.64 37.16 -4.35
CA PRO B 153 34.49 37.16 -5.54
C PRO B 153 33.85 36.39 -6.68
N GLY B 154 34.00 36.91 -7.90
CA GLY B 154 33.36 36.32 -9.05
C GLY B 154 32.03 36.97 -9.36
N ASN B 155 31.28 37.30 -8.30
CA ASN B 155 29.98 37.96 -8.44
C ASN B 155 30.20 39.48 -8.52
N VAL B 156 30.82 39.90 -9.61
CA VAL B 156 31.16 41.30 -9.84
C VAL B 156 29.86 42.06 -10.11
N PRO B 157 29.82 43.38 -9.90
CA PRO B 157 28.58 44.13 -10.10
C PRO B 157 28.05 44.10 -11.53
N GLY B 158 28.90 43.81 -12.51
CA GLY B 158 28.45 43.77 -13.89
C GLY B 158 28.06 42.37 -14.34
N SER B 159 27.39 41.61 -13.47
CA SER B 159 27.00 40.25 -13.77
C SER B 159 25.49 40.05 -13.70
N TRP B 160 24.72 40.99 -14.25
CA TRP B 160 23.28 40.86 -14.32
C TRP B 160 22.77 41.31 -15.68
N LYS B 161 21.76 40.61 -16.18
CA LYS B 161 21.14 40.92 -17.46
C LYS B 161 19.63 40.83 -17.32
N GLU B 162 18.92 41.79 -17.90
CA GLU B 162 17.48 41.77 -17.66
C GLU B 162 16.74 41.10 -18.80
N PRO B 163 15.65 40.38 -18.50
CA PRO B 163 14.90 39.69 -19.54
C PRO B 163 14.21 40.65 -20.49
N GLY B 164 14.00 40.19 -21.72
CA GLY B 164 13.32 40.98 -22.72
C GLY B 164 12.90 40.12 -23.89
N ILE B 165 11.90 40.60 -24.63
CA ILE B 165 11.44 39.88 -25.82
C ILE B 165 12.53 39.83 -26.88
N GLY B 166 13.22 40.96 -27.09
CA GLY B 166 14.12 41.06 -28.22
C GLY B 166 15.29 40.10 -28.15
N TRP B 167 15.94 40.02 -27.00
CA TRP B 167 17.15 39.22 -26.89
C TRP B 167 16.89 37.77 -26.51
N MET B 168 15.84 37.49 -25.74
CA MET B 168 15.52 36.10 -25.42
C MET B 168 15.08 35.33 -26.66
N THR B 169 14.24 35.95 -27.51
CA THR B 169 13.79 35.27 -28.71
C THR B 169 14.95 35.01 -29.66
N GLY B 170 15.82 36.01 -29.87
CA GLY B 170 16.97 35.82 -30.72
C GLY B 170 17.97 34.83 -30.16
N PHE B 171 18.14 34.82 -28.83
CA PHE B 171 19.04 33.86 -28.20
C PHE B 171 18.57 32.43 -28.43
N LEU B 172 17.25 32.20 -28.32
CA LEU B 172 16.73 30.85 -28.51
C LEU B 172 16.80 30.43 -29.97
N LEU B 173 16.47 31.33 -30.90
CA LEU B 173 16.44 30.98 -32.31
C LEU B 173 17.81 30.53 -32.81
N ALA B 174 18.87 31.20 -32.35
CA ALA B 174 20.22 30.88 -32.81
C ALA B 174 20.65 29.49 -32.37
N CYS B 175 20.30 29.09 -31.15
CA CYS B 175 20.88 27.89 -30.58
C CYS B 175 19.92 26.70 -30.54
N SER B 176 18.61 26.92 -30.59
CA SER B 176 17.66 25.82 -30.47
C SER B 176 17.76 24.88 -31.68
N PHE B 177 17.91 25.43 -32.88
CA PHE B 177 17.94 24.61 -34.09
C PHE B 177 19.25 23.86 -34.26
N GLY B 178 20.26 24.14 -33.44
CA GLY B 178 21.50 23.40 -33.55
C GLY B 178 21.36 21.93 -33.23
N GLY B 179 20.57 21.61 -32.20
CA GLY B 179 20.37 20.22 -31.84
C GLY B 179 19.54 19.43 -32.84
N LEU B 180 18.66 20.12 -33.57
CA LEU B 180 17.80 19.44 -34.54
C LEU B 180 18.61 18.83 -35.68
N LEU B 181 19.60 19.56 -36.17
CA LEU B 181 20.39 19.08 -37.30
C LEU B 181 21.24 17.87 -36.92
N THR B 182 21.72 17.82 -35.68
CA THR B 182 22.51 16.69 -35.22
C THR B 182 21.68 15.40 -35.16
N LEU B 183 20.36 15.52 -35.08
CA LEU B 183 19.51 14.34 -34.93
C LEU B 183 19.53 13.44 -36.17
N ILE B 184 19.66 14.02 -37.37
CA ILE B 184 19.55 13.23 -38.59
C ILE B 184 20.62 12.14 -38.66
N PRO B 185 21.91 12.41 -38.49
CA PRO B 185 22.88 11.30 -38.42
C PRO B 185 22.65 10.39 -37.22
N LEU B 186 22.16 10.93 -36.10
CA LEU B 186 21.93 10.12 -34.91
C LEU B 186 20.71 9.21 -35.05
N ARG B 187 19.74 9.60 -35.88
CA ARG B 187 18.52 8.80 -36.02
C ARG B 187 18.83 7.42 -36.61
N GLN B 188 19.74 7.37 -37.58
CA GLN B 188 20.06 6.09 -38.23
C GLN B 188 20.76 5.15 -37.27
N VAL B 189 21.78 5.63 -36.56
CA VAL B 189 22.62 4.75 -35.75
C VAL B 189 21.87 4.25 -34.52
N LEU B 190 21.12 5.13 -33.86
CA LEU B 190 20.58 4.81 -32.54
C LEU B 190 19.22 4.12 -32.61
N VAL B 191 18.31 4.61 -33.45
CA VAL B 191 16.94 4.10 -33.44
C VAL B 191 16.89 2.68 -33.98
N VAL B 192 17.54 2.43 -35.11
CA VAL B 192 17.39 1.16 -35.81
C VAL B 192 18.68 0.34 -35.85
N ASP B 193 19.84 0.95 -36.02
CA ASP B 193 21.08 0.18 -36.06
C ASP B 193 21.42 -0.41 -34.70
N TYR B 194 21.56 0.45 -33.68
CA TYR B 194 21.85 -0.03 -32.34
C TYR B 194 20.65 -0.68 -31.66
N LYS B 195 19.45 -0.54 -32.25
CA LYS B 195 18.23 -1.16 -31.72
C LYS B 195 17.97 -0.73 -30.27
N LEU B 196 18.29 0.53 -29.97
CA LEU B 196 18.01 1.06 -28.64
C LEU B 196 16.51 1.19 -28.45
N VAL B 197 16.01 0.73 -27.31
CA VAL B 197 14.61 0.84 -26.97
C VAL B 197 14.40 2.11 -26.15
N TYR B 198 13.52 2.98 -26.61
CA TYR B 198 13.20 4.19 -25.86
C TYR B 198 11.87 3.94 -25.15
N PRO B 199 11.91 3.62 -23.85
CA PRO B 199 10.68 3.17 -23.17
C PRO B 199 9.53 4.15 -23.24
N SER B 200 9.78 5.45 -23.12
CA SER B 200 8.69 6.41 -23.25
C SER B 200 8.31 6.61 -24.72
N GLY B 201 9.28 6.51 -25.62
CA GLY B 201 8.98 6.54 -27.04
C GLY B 201 8.22 5.31 -27.50
N THR B 202 8.63 4.14 -27.00
CA THR B 202 7.93 2.91 -27.35
C THR B 202 6.52 2.88 -26.75
N ALA B 203 6.38 3.33 -25.51
CA ALA B 203 5.06 3.34 -24.87
C ALA B 203 4.10 4.26 -25.61
N THR B 204 4.58 5.44 -26.02
CA THR B 204 3.73 6.38 -26.73
C THR B 204 3.34 5.84 -28.10
N ALA B 205 4.26 5.14 -28.77
CA ALA B 205 3.94 4.56 -30.08
C ALA B 205 2.84 3.52 -29.96
N ILE B 206 2.91 2.66 -28.94
CA ILE B 206 1.87 1.67 -28.72
C ILE B 206 0.56 2.34 -28.36
N LEU B 207 0.61 3.39 -27.54
CA LEU B 207 -0.60 4.14 -27.20
C LEU B 207 -1.24 4.75 -28.43
N ILE B 208 -0.41 5.32 -29.33
CA ILE B 208 -0.94 5.93 -30.54
C ILE B 208 -1.47 4.85 -31.49
N ASN B 209 -0.76 3.73 -31.59
CA ASN B 209 -1.23 2.63 -32.45
C ASN B 209 -2.56 2.08 -31.98
N GLY B 210 -2.73 1.93 -30.65
CA GLY B 210 -3.98 1.41 -30.14
C GLY B 210 -5.15 2.34 -30.38
N PHE B 211 -4.88 3.64 -30.49
CA PHE B 211 -5.95 4.61 -30.76
C PHE B 211 -6.52 4.44 -32.17
N HIS B 212 -5.67 4.10 -33.14
CA HIS B 212 -6.05 4.15 -34.54
C HIS B 212 -6.24 2.77 -35.17
N THR B 213 -6.27 1.70 -34.38
CA THR B 213 -6.49 0.36 -34.91
C THR B 213 -7.99 0.10 -35.08
N ASP B 214 -8.38 -0.51 -36.20
CA ASP B 214 -9.79 -0.67 -36.53
C ASP B 214 -10.18 -2.05 -37.02
N GLN B 215 -9.24 -2.94 -37.29
CA GLN B 215 -9.52 -4.23 -37.89
C GLN B 215 -9.40 -5.33 -36.85
N GLY B 216 -10.38 -6.23 -36.84
CA GLY B 216 -10.51 -7.20 -35.76
C GLY B 216 -9.56 -8.39 -35.86
N ASP B 217 -8.29 -8.17 -35.55
CA ASP B 217 -7.35 -9.27 -35.48
C ASP B 217 -7.52 -10.04 -34.17
N LYS B 218 -7.04 -11.28 -34.16
CA LYS B 218 -7.21 -12.14 -33.00
C LYS B 218 -6.30 -11.72 -31.85
N ASN B 219 -5.11 -11.20 -32.17
CA ASN B 219 -4.20 -10.75 -31.10
C ASN B 219 -4.38 -9.27 -30.77
N SER B 220 -5.02 -8.50 -31.65
CA SER B 220 -5.16 -7.06 -31.44
C SER B 220 -6.00 -6.74 -30.20
N ARG B 221 -7.20 -7.31 -30.12
CA ARG B 221 -8.09 -7.05 -28.99
C ARG B 221 -7.61 -7.74 -27.71
N LYS B 222 -6.78 -8.77 -27.81
CA LYS B 222 -6.14 -9.25 -26.60
C LYS B 222 -5.14 -8.22 -26.09
N GLN B 223 -4.46 -7.52 -27.00
CA GLN B 223 -3.54 -6.47 -26.61
C GLN B 223 -4.29 -5.22 -26.13
N ILE B 224 -5.34 -4.84 -26.85
CA ILE B 224 -6.08 -3.62 -26.48
C ILE B 224 -6.73 -3.78 -25.11
N ARG B 225 -7.39 -4.91 -24.88
CA ARG B 225 -8.00 -5.14 -23.57
C ARG B 225 -6.96 -5.25 -22.47
N GLY B 226 -5.82 -5.89 -22.75
CA GLY B 226 -4.74 -5.92 -21.77
C GLY B 226 -4.18 -4.55 -21.50
N PHE B 227 -4.07 -3.71 -22.53
CA PHE B 227 -3.61 -2.34 -22.34
C PHE B 227 -4.58 -1.55 -21.48
N LEU B 228 -5.87 -1.69 -21.75
CA LEU B 228 -6.88 -0.90 -21.04
C LEU B 228 -7.06 -1.30 -19.59
N LYS B 229 -6.88 -2.59 -19.27
CA LYS B 229 -7.01 -3.02 -17.88
C LYS B 229 -5.90 -2.43 -17.02
N TYR B 230 -4.66 -2.43 -17.51
CA TYR B 230 -3.54 -1.90 -16.74
C TYR B 230 -3.40 -0.39 -16.85
N PHE B 231 -3.92 0.22 -17.93
CA PHE B 231 -3.91 1.67 -18.03
C PHE B 231 -4.83 2.28 -16.97
N GLY B 232 -6.03 1.74 -16.81
CA GLY B 232 -6.92 2.23 -15.79
C GLY B 232 -6.42 1.95 -14.39
N GLY B 233 -5.83 0.77 -14.18
CA GLY B 233 -5.28 0.44 -12.88
C GLY B 233 -4.12 1.33 -12.50
N SER B 234 -3.21 1.59 -13.45
CA SER B 234 -2.06 2.44 -13.17
C SER B 234 -2.49 3.89 -12.96
N PHE B 235 -3.44 4.39 -13.75
CA PHE B 235 -3.92 5.75 -13.57
C PHE B 235 -4.60 5.93 -12.23
N LEU B 236 -5.45 4.97 -11.85
CA LEU B 236 -6.12 5.06 -10.56
C LEU B 236 -5.14 4.89 -9.40
N TRP B 237 -4.10 4.07 -9.58
CA TRP B 237 -3.09 3.93 -8.54
C TRP B 237 -2.33 5.24 -8.35
N SER B 238 -1.99 5.93 -9.43
CA SER B 238 -1.32 7.22 -9.32
C SER B 238 -2.25 8.26 -8.72
N PHE B 239 -3.53 8.22 -9.09
CA PHE B 239 -4.51 9.15 -8.51
C PHE B 239 -4.67 8.93 -7.02
N PHE B 240 -4.66 7.66 -6.59
CA PHE B 240 -4.77 7.36 -5.16
C PHE B 240 -3.55 7.82 -4.39
N GLN B 241 -2.37 7.70 -4.99
CA GLN B 241 -1.13 8.08 -4.31
C GLN B 241 -1.07 9.57 -4.02
N TRP B 242 -1.75 10.38 -4.83
CA TRP B 242 -1.58 11.84 -4.73
C TRP B 242 -2.04 12.38 -3.40
N PHE B 243 -3.11 11.83 -2.83
CA PHE B 243 -3.70 12.37 -1.62
C PHE B 243 -2.81 12.21 -0.39
N TYR B 244 -1.76 11.39 -0.48
CA TYR B 244 -0.93 11.08 0.69
C TYR B 244 0.49 11.58 0.57
N THR B 245 0.85 12.21 -0.55
CA THR B 245 2.16 12.85 -0.70
C THR B 245 2.08 14.33 -0.36
N GLY B 246 1.58 14.64 0.84
CA GLY B 246 1.34 16.01 1.24
C GLY B 246 2.40 16.56 2.17
N GLY B 247 3.65 16.24 1.92
CA GLY B 247 4.73 16.74 2.75
C GLY B 247 6.08 16.40 2.14
N ASP B 248 7.12 16.91 2.79
CA ASP B 248 8.48 16.65 2.34
C ASP B 248 8.89 15.24 2.71
N ALA B 249 9.16 14.41 1.69
CA ALA B 249 9.59 13.03 1.88
C ALA B 249 8.58 12.23 2.71
N CYS B 250 7.36 12.16 2.17
CA CYS B 250 6.31 11.36 2.80
C CYS B 250 5.30 10.96 1.73
N GLY B 251 4.80 9.74 1.82
CA GLY B 251 3.89 9.20 0.83
C GLY B 251 4.33 7.84 0.35
N PHE B 252 3.60 7.29 -0.63
CA PHE B 252 3.99 6.00 -1.19
C PHE B 252 5.30 6.07 -1.97
N VAL B 253 5.66 7.24 -2.49
CA VAL B 253 6.91 7.38 -3.23
C VAL B 253 8.10 7.26 -2.28
N GLN B 254 7.99 7.80 -1.08
CA GLN B 254 9.05 7.68 -0.08
C GLN B 254 8.73 6.55 0.92
N PHE B 255 8.58 5.34 0.37
CA PHE B 255 8.19 4.20 1.17
C PHE B 255 9.43 3.40 1.57
N PRO B 256 9.74 3.28 2.86
CA PRO B 256 10.90 2.47 3.31
C PRO B 256 10.58 0.97 3.30
N THR B 257 10.64 0.38 2.10
CA THR B 257 10.30 -1.03 1.95
C THR B 257 11.33 -1.95 2.62
N PHE B 258 12.59 -1.55 2.67
CA PHE B 258 13.64 -2.36 3.27
C PHE B 258 14.20 -1.74 4.54
N GLY B 259 13.44 -0.86 5.18
CA GLY B 259 13.86 -0.25 6.42
C GLY B 259 14.16 1.24 6.24
N LEU B 260 14.22 1.93 7.39
CA LEU B 260 14.53 3.36 7.37
C LEU B 260 16.01 3.62 7.13
N LYS B 261 16.88 2.72 7.58
CA LYS B 261 18.31 2.87 7.32
C LYS B 261 18.62 2.77 5.83
N ALA B 262 17.99 1.82 5.14
CA ALA B 262 18.20 1.67 3.70
C ALA B 262 17.50 2.77 2.92
N TRP B 263 16.39 3.30 3.45
CA TRP B 263 15.71 4.40 2.78
C TRP B 263 16.57 5.65 2.74
N LYS B 264 17.30 5.94 3.82
CA LYS B 264 18.20 7.08 3.84
C LYS B 264 19.35 6.93 2.85
N GLN B 265 19.71 5.70 2.50
CA GLN B 265 20.69 5.44 1.45
C GLN B 265 20.03 5.32 0.09
N THR B 266 18.77 5.73 -0.04
CA THR B 266 18.02 5.67 -1.30
C THR B 266 17.99 4.25 -1.86
N PHE B 267 17.75 3.29 -0.99
CA PHE B 267 17.68 1.89 -1.40
C PHE B 267 16.31 1.31 -1.06
N TYR B 268 15.26 2.06 -1.37
CA TYR B 268 13.89 1.67 -1.11
C TYR B 268 13.20 1.35 -2.44
N PHE B 269 11.91 1.03 -2.35
CA PHE B 269 11.09 0.74 -3.53
C PHE B 269 9.91 1.71 -3.55
N ASP B 270 10.01 2.75 -4.36
CA ASP B 270 8.86 3.60 -4.62
C ASP B 270 7.90 2.88 -5.56
N PHE B 271 6.60 3.08 -5.32
CA PHE B 271 5.57 2.39 -6.10
C PHE B 271 5.33 3.09 -7.43
N SER B 272 6.40 3.30 -8.19
CA SER B 272 6.33 4.01 -9.46
C SER B 272 6.19 3.01 -10.60
N MET B 273 5.04 3.04 -11.26
CA MET B 273 4.80 2.15 -12.39
C MET B 273 5.52 2.61 -13.65
N THR B 274 5.98 3.86 -13.70
CA THR B 274 6.75 4.33 -14.84
C THR B 274 8.08 3.58 -14.95
N TYR B 275 8.82 3.51 -13.83
CA TYR B 275 10.08 2.79 -13.83
C TYR B 275 9.90 1.29 -13.88
N VAL B 276 8.86 0.77 -13.23
CA VAL B 276 8.57 -0.66 -13.31
C VAL B 276 8.19 -1.03 -14.74
N GLY B 277 7.34 -0.23 -15.36
CA GLY B 277 6.97 -0.48 -16.75
C GLY B 277 8.12 -0.29 -17.71
N ALA B 278 8.98 0.70 -17.47
CA ALA B 278 10.13 0.92 -18.33
C ALA B 278 11.10 -0.26 -18.27
N GLY B 279 11.33 -0.81 -17.09
CA GLY B 279 12.23 -1.94 -16.94
C GLY B 279 11.69 -3.22 -17.55
N MET B 280 10.39 -3.31 -17.78
CA MET B 280 9.81 -4.51 -18.37
C MET B 280 10.25 -4.68 -19.81
N ILE B 281 10.33 -3.59 -20.57
CA ILE B 281 10.70 -3.64 -21.98
C ILE B 281 12.20 -3.41 -22.18
N CYS B 282 12.94 -3.13 -21.12
CA CYS B 282 14.37 -3.01 -21.25
C CYS B 282 15.04 -4.38 -21.11
N PRO B 283 16.17 -4.60 -21.77
CA PRO B 283 16.87 -5.88 -21.61
C PRO B 283 17.38 -6.06 -20.19
N HIS B 284 17.54 -7.33 -19.80
CA HIS B 284 17.93 -7.63 -18.42
C HIS B 284 19.31 -7.08 -18.09
N ILE B 285 20.22 -7.04 -19.07
CA ILE B 285 21.56 -6.52 -18.81
C ILE B 285 21.51 -5.04 -18.45
N VAL B 286 20.56 -4.30 -19.03
CA VAL B 286 20.41 -2.89 -18.67
C VAL B 286 19.89 -2.75 -17.24
N ASN B 287 18.89 -3.54 -16.88
CA ASN B 287 18.33 -3.46 -15.53
C ASN B 287 19.34 -3.93 -14.49
N ILE B 288 20.08 -5.00 -14.77
CA ILE B 288 21.09 -5.48 -13.84
C ILE B 288 22.20 -4.46 -13.68
N SER B 289 22.62 -3.83 -14.78
CA SER B 289 23.66 -2.81 -14.72
C SER B 289 23.22 -1.63 -13.87
N THR B 290 21.94 -1.25 -14.00
CA THR B 290 21.42 -0.13 -13.22
C THR B 290 21.50 -0.40 -11.72
N LEU B 291 21.11 -1.61 -11.30
CA LEU B 291 21.23 -1.98 -9.89
C LEU B 291 22.70 -2.08 -9.47
N LEU B 292 23.54 -2.62 -10.34
CA LEU B 292 24.95 -2.79 -10.01
C LEU B 292 25.63 -1.44 -9.82
N GLY B 293 25.23 -0.45 -10.61
CA GLY B 293 25.74 0.91 -10.41
C GLY B 293 25.28 1.54 -9.11
N ALA B 294 24.04 1.29 -8.72
CA ALA B 294 23.52 1.84 -7.47
C ALA B 294 24.23 1.24 -6.26
N ILE B 295 24.54 -0.06 -6.33
CA ILE B 295 25.25 -0.72 -5.23
C ILE B 295 26.64 -0.13 -5.05
N ILE B 296 27.36 0.09 -6.15
CA ILE B 296 28.72 0.60 -6.07
C ILE B 296 28.74 2.01 -5.49
N SER B 297 27.85 2.88 -5.95
CA SER B 297 27.90 4.28 -5.54
C SER B 297 27.28 4.48 -4.16
N TRP B 298 25.99 4.22 -4.03
CA TRP B 298 25.29 4.50 -2.78
C TRP B 298 25.58 3.48 -1.69
N GLY B 299 25.84 2.22 -2.05
CA GLY B 299 26.08 1.21 -1.06
C GLY B 299 27.52 1.11 -0.60
N ILE B 300 28.45 1.57 -1.43
CA ILE B 300 29.87 1.43 -1.13
C ILE B 300 30.58 2.78 -1.16
N MET B 301 30.56 3.43 -2.32
CA MET B 301 31.50 4.53 -2.55
C MET B 301 31.12 5.78 -1.75
N TRP B 302 29.85 6.16 -1.76
CA TRP B 302 29.46 7.37 -1.04
C TRP B 302 29.64 7.22 0.47
N PRO B 303 29.23 6.11 1.09
CA PRO B 303 29.53 5.94 2.53
C PRO B 303 31.01 5.99 2.85
N LEU B 304 31.86 5.42 2.00
CA LEU B 304 33.30 5.47 2.25
C LEU B 304 33.84 6.88 2.10
N ILE B 305 33.37 7.62 1.09
CA ILE B 305 33.83 8.99 0.90
C ILE B 305 33.34 9.88 2.02
N SER B 306 32.12 9.67 2.49
CA SER B 306 31.55 10.49 3.54
C SER B 306 32.26 10.35 4.88
N LYS B 307 33.09 9.31 5.04
CA LYS B 307 33.87 9.16 6.27
C LYS B 307 34.97 10.20 6.39
N ASN B 308 35.23 10.97 5.35
CA ASN B 308 36.25 12.03 5.34
C ASN B 308 35.60 13.39 5.21
N LYS B 309 34.49 13.60 5.94
CA LYS B 309 33.75 14.85 5.87
C LYS B 309 34.52 16.04 6.42
N GLY B 310 35.63 15.82 7.12
CA GLY B 310 36.39 16.91 7.68
C GLY B 310 37.76 17.07 7.03
N ASP B 311 38.24 16.03 6.37
CA ASP B 311 39.58 16.04 5.78
C ASP B 311 39.53 16.32 4.28
N TRP B 312 38.79 15.51 3.52
CA TRP B 312 38.79 15.63 2.07
C TRP B 312 38.06 16.89 1.61
N TYR B 313 36.91 17.19 2.19
CA TYR B 313 36.15 18.38 1.87
C TYR B 313 35.68 19.02 3.17
N PRO B 314 35.50 20.34 3.18
CA PRO B 314 35.04 20.99 4.41
C PRO B 314 33.62 20.58 4.77
N ALA B 315 33.35 20.55 6.07
CA ALA B 315 32.05 20.11 6.57
C ALA B 315 31.07 21.25 6.78
N LYS B 316 31.55 22.50 6.81
CA LYS B 316 30.64 23.63 7.00
C LYS B 316 29.74 23.84 5.79
N VAL B 317 30.29 23.68 4.58
CA VAL B 317 29.47 23.84 3.37
C VAL B 317 28.45 22.72 3.30
N PRO B 318 27.21 23.00 2.91
CA PRO B 318 26.21 21.93 2.84
C PRO B 318 26.48 20.99 1.68
N GLU B 319 25.91 19.79 1.79
CA GLU B 319 25.98 18.83 0.70
C GLU B 319 25.16 19.34 -0.48
N SER B 320 25.19 18.58 -1.58
CA SER B 320 24.65 18.97 -2.88
C SER B 320 25.35 20.20 -3.44
N SER B 321 26.46 20.62 -2.83
CA SER B 321 27.29 21.69 -3.35
C SER B 321 28.55 21.10 -3.98
N MET B 322 29.08 21.81 -4.97
CA MET B 322 30.19 21.27 -5.75
C MET B 322 31.46 21.10 -4.93
N LYS B 323 31.52 21.68 -3.72
CA LYS B 323 32.68 21.54 -2.85
C LYS B 323 32.52 20.44 -1.80
N SER B 324 31.35 19.81 -1.68
CA SER B 324 31.09 18.85 -0.61
C SER B 324 30.21 17.72 -1.14
N LEU B 325 30.85 16.62 -1.57
CA LEU B 325 30.20 15.34 -1.82
C LEU B 325 29.33 15.36 -3.06
N TYR B 326 29.12 16.53 -3.67
CA TYR B 326 28.42 16.58 -4.94
C TYR B 326 29.36 16.73 -6.12
N GLY B 327 30.57 17.24 -5.90
CA GLY B 327 31.59 17.15 -6.92
C GLY B 327 31.93 15.71 -7.25
N TYR B 328 31.91 14.84 -6.23
CA TYR B 328 32.05 13.41 -6.47
C TYR B 328 30.86 12.89 -7.27
N LYS B 329 29.64 13.27 -6.89
CA LYS B 329 28.46 12.78 -7.58
C LYS B 329 28.44 13.23 -9.04
N ALA B 330 28.73 14.49 -9.29
CA ALA B 330 28.60 15.03 -10.63
C ALA B 330 29.73 14.56 -11.55
N PHE B 331 30.97 14.61 -11.07
CA PHE B 331 32.10 14.32 -11.94
C PHE B 331 32.28 12.82 -12.18
N ILE B 332 32.01 11.98 -11.18
CA ILE B 332 32.11 10.54 -11.40
C ILE B 332 30.99 10.08 -12.33
N CYS B 333 29.79 10.67 -12.20
CA CYS B 333 28.68 10.27 -13.05
C CYS B 333 28.96 10.57 -14.52
N ILE B 334 29.49 11.75 -14.82
CA ILE B 334 29.79 12.08 -16.22
C ILE B 334 30.96 11.25 -16.73
N ALA B 335 31.96 11.00 -15.87
CA ALA B 335 33.12 10.23 -16.30
C ALA B 335 32.74 8.83 -16.75
N LEU B 336 31.81 8.20 -16.04
CA LEU B 336 31.29 6.91 -16.49
C LEU B 336 30.58 7.04 -17.83
N ILE B 337 29.76 8.08 -17.99
CA ILE B 337 29.05 8.27 -19.25
C ILE B 337 30.01 8.68 -20.36
N MET B 338 30.90 9.63 -20.07
CA MET B 338 31.83 10.11 -21.09
C MET B 338 32.81 9.02 -21.50
N GLY B 339 33.31 8.23 -20.56
CA GLY B 339 34.21 7.14 -20.93
C GLY B 339 33.56 6.14 -21.86
N ASP B 340 32.32 5.78 -21.58
CA ASP B 340 31.58 4.90 -22.49
C ASP B 340 31.12 5.66 -23.73
N GLY B 341 30.70 6.92 -23.56
CA GLY B 341 30.17 7.67 -24.69
C GLY B 341 31.20 7.99 -25.74
N MET B 342 32.43 8.33 -25.33
CA MET B 342 33.46 8.65 -26.31
C MET B 342 33.80 7.46 -27.19
N TYR B 343 33.90 6.26 -26.61
CA TYR B 343 34.32 5.10 -27.39
C TYR B 343 33.33 4.78 -28.51
N HIS B 344 32.03 4.82 -28.21
CA HIS B 344 31.04 4.57 -29.25
C HIS B 344 31.06 5.67 -30.31
N PHE B 345 31.30 6.92 -29.90
CA PHE B 345 31.38 8.01 -30.87
C PHE B 345 32.61 7.84 -31.77
N ILE B 346 33.75 7.45 -31.18
CA ILE B 346 34.94 7.20 -31.99
C ILE B 346 34.73 5.98 -32.88
N LYS B 347 34.03 4.96 -32.36
CA LYS B 347 33.78 3.76 -33.14
C LYS B 347 32.96 4.06 -34.38
N ILE B 348 31.93 4.91 -34.25
CA ILE B 348 31.13 5.30 -35.41
C ILE B 348 31.97 6.08 -36.40
N VAL B 349 32.76 7.04 -35.91
CA VAL B 349 33.65 7.80 -36.78
C VAL B 349 34.68 6.88 -37.41
N GLY B 350 35.27 5.98 -36.62
CA GLY B 350 36.25 5.05 -37.17
C GLY B 350 35.66 4.14 -38.23
N ILE B 351 34.45 3.62 -38.00
CA ILE B 351 33.80 2.78 -39.00
C ILE B 351 33.48 3.59 -40.24
N THR B 352 32.95 4.80 -40.07
CA THR B 352 32.62 5.64 -41.21
C THR B 352 33.87 6.01 -42.01
N ALA B 353 34.96 6.35 -41.31
CA ALA B 353 36.19 6.73 -42.00
C ALA B 353 36.73 5.58 -42.83
N MET B 354 36.71 4.36 -42.28
CA MET B 354 37.16 3.20 -43.04
C MET B 354 36.28 2.94 -44.25
N SER B 355 34.96 3.12 -44.10
CA SER B 355 34.04 2.85 -45.20
C SER B 355 34.30 3.77 -46.38
N MET B 356 34.49 5.07 -46.10
CA MET B 356 34.72 6.01 -47.20
C MET B 356 36.13 5.89 -47.75
N TYR B 357 37.08 5.43 -46.93
CA TYR B 357 38.41 5.10 -47.45
C TYR B 357 38.34 3.94 -48.44
N ARG B 358 37.53 2.92 -48.14
CA ARG B 358 37.40 1.79 -49.05
C ARG B 358 36.75 2.19 -50.36
N GLN B 359 35.76 3.07 -50.30
CA GLN B 359 35.06 3.53 -51.49
C GLN B 359 35.98 4.40 -52.35
N PRO B 393 22.59 12.47 -47.68
CA PRO B 393 22.09 13.51 -46.76
C PRO B 393 22.84 13.54 -45.43
N SER B 394 23.81 12.63 -45.27
CA SER B 394 24.60 12.61 -44.05
C SER B 394 25.40 13.89 -43.87
N TRP B 395 26.04 14.35 -44.94
CA TRP B 395 26.79 15.60 -44.90
C TRP B 395 25.91 16.82 -45.10
N MET B 396 24.68 16.64 -45.58
CA MET B 396 23.76 17.79 -45.71
C MET B 396 23.36 18.32 -44.35
N ALA B 397 23.11 17.44 -43.38
CA ALA B 397 22.70 17.87 -42.05
C ALA B 397 23.83 18.61 -41.34
N TYR B 398 25.06 18.10 -41.45
CA TYR B 398 26.18 18.74 -40.76
C TYR B 398 26.59 20.04 -41.43
N ALA B 399 26.38 20.16 -42.74
CA ALA B 399 26.60 21.44 -43.40
C ALA B 399 25.65 22.50 -42.88
N GLY B 400 24.38 22.14 -42.69
CA GLY B 400 23.44 23.06 -42.08
C GLY B 400 23.76 23.33 -40.63
N TYR B 401 24.27 22.31 -39.91
CA TYR B 401 24.67 22.51 -38.52
C TYR B 401 25.81 23.50 -38.40
N ALA B 402 26.79 23.43 -39.32
CA ALA B 402 27.87 24.39 -39.32
C ALA B 402 27.36 25.79 -39.64
N LEU B 403 26.38 25.90 -40.54
CA LEU B 403 25.78 27.19 -40.85
C LEU B 403 25.11 27.80 -39.63
N PHE B 404 24.38 26.98 -38.86
CA PHE B 404 23.77 27.49 -37.64
C PHE B 404 24.79 27.71 -36.54
N SER B 405 25.90 26.96 -36.57
CA SER B 405 26.94 27.13 -35.56
C SER B 405 27.62 28.48 -35.68
N VAL B 406 27.99 28.87 -36.91
CA VAL B 406 28.66 30.16 -37.10
C VAL B 406 27.70 31.31 -36.85
N LEU B 407 26.40 31.08 -37.07
CA LEU B 407 25.40 32.11 -36.79
C LEU B 407 25.37 32.45 -35.31
N ALA B 408 25.43 31.43 -34.44
CA ALA B 408 25.45 31.67 -33.01
C ALA B 408 26.79 32.25 -32.56
N VAL B 409 27.87 31.94 -33.28
CA VAL B 409 29.19 32.43 -32.89
C VAL B 409 29.28 33.94 -33.07
N VAL B 410 28.64 34.46 -34.12
CA VAL B 410 28.68 35.90 -34.39
C VAL B 410 27.52 36.67 -33.77
N THR B 411 26.63 36.00 -33.04
CA THR B 411 25.46 36.63 -32.45
C THR B 411 25.45 36.61 -30.93
N ILE B 412 25.81 35.47 -30.32
CA ILE B 412 25.77 35.37 -28.86
C ILE B 412 26.70 36.37 -28.18
N PRO B 413 27.96 36.53 -28.57
CA PRO B 413 28.80 37.54 -27.92
C PRO B 413 28.29 38.97 -28.10
N VAL B 414 27.50 39.24 -29.14
CA VAL B 414 26.90 40.56 -29.28
C VAL B 414 25.93 40.83 -28.14
N MET B 415 25.09 39.85 -27.82
CA MET B 415 24.16 40.01 -26.70
C MET B 415 24.88 40.00 -25.37
N PHE B 416 25.84 39.10 -25.19
CA PHE B 416 26.62 38.99 -23.96
C PHE B 416 28.08 39.27 -24.29
N LYS B 417 28.55 40.48 -23.97
CA LYS B 417 29.96 40.77 -24.15
C LYS B 417 30.82 39.98 -23.17
N GLN B 418 30.22 39.43 -22.12
CA GLN B 418 30.95 38.58 -21.17
C GLN B 418 31.35 37.25 -21.77
N VAL B 419 30.75 36.85 -22.89
CA VAL B 419 30.99 35.57 -23.53
C VAL B 419 31.83 35.80 -24.77
N LYS B 420 32.97 35.13 -24.86
CA LYS B 420 33.88 35.29 -25.98
C LYS B 420 33.45 34.39 -27.14
N TRP B 421 33.98 34.70 -28.33
CA TRP B 421 33.55 34.00 -29.54
C TRP B 421 33.94 32.53 -29.49
N TYR B 422 35.13 32.21 -28.99
CA TYR B 422 35.57 30.82 -28.99
C TYR B 422 34.95 30.00 -27.87
N TYR B 423 34.28 30.62 -26.90
CA TYR B 423 33.47 29.85 -25.97
C TYR B 423 32.32 29.16 -26.69
N VAL B 424 31.67 29.86 -27.61
CA VAL B 424 30.58 29.27 -28.38
C VAL B 424 31.10 28.19 -29.31
N VAL B 425 32.29 28.39 -29.87
CA VAL B 425 32.86 27.40 -30.79
C VAL B 425 33.10 26.09 -30.07
N ILE B 426 33.69 26.15 -28.87
CA ILE B 426 33.93 24.94 -28.10
C ILE B 426 32.61 24.27 -27.73
N ALA B 427 31.59 25.08 -27.41
CA ALA B 427 30.28 24.52 -27.08
C ALA B 427 29.68 23.77 -28.26
N TYR B 428 29.83 24.31 -29.46
CA TYR B 428 29.21 23.70 -30.63
C TYR B 428 30.00 22.55 -31.23
N VAL B 429 31.27 22.40 -30.87
CA VAL B 429 32.05 21.25 -31.33
C VAL B 429 31.77 20.02 -30.49
N VAL B 430 31.72 20.17 -29.17
CA VAL B 430 31.46 19.02 -28.30
C VAL B 430 29.98 18.68 -28.19
N ALA B 431 29.09 19.57 -28.65
CA ALA B 431 27.66 19.28 -28.56
C ALA B 431 27.24 18.03 -29.33
N PRO B 432 27.67 17.80 -30.58
CA PRO B 432 27.35 16.50 -31.20
C PRO B 432 27.89 15.31 -30.42
N MET B 433 29.07 15.45 -29.82
CA MET B 433 29.65 14.36 -29.05
C MET B 433 28.94 14.21 -27.71
N LEU B 434 28.60 15.33 -27.06
CA LEU B 434 27.82 15.27 -25.82
C LEU B 434 26.39 14.85 -26.09
N GLY B 435 25.79 15.33 -27.17
CA GLY B 435 24.42 14.97 -27.48
C GLY B 435 24.25 13.49 -27.78
N PHE B 436 25.27 12.88 -28.38
CA PHE B 436 25.22 11.46 -28.68
C PHE B 436 25.15 10.63 -27.39
N ALA B 437 25.94 11.00 -26.39
CA ALA B 437 25.97 10.23 -25.15
C ALA B 437 24.63 10.31 -24.42
N ASN B 438 24.01 11.49 -24.39
CA ASN B 438 22.71 11.63 -23.75
C ASN B 438 21.64 10.83 -24.50
N SER B 439 21.66 10.88 -25.83
CA SER B 439 20.69 10.11 -26.61
C SER B 439 20.88 8.61 -26.41
N TYR B 440 22.13 8.16 -26.35
CA TYR B 440 22.40 6.75 -26.08
C TYR B 440 21.93 6.36 -24.68
N GLY B 441 22.19 7.21 -23.70
CA GLY B 441 21.75 6.92 -22.34
C GLY B 441 20.24 6.94 -22.20
N THR B 442 19.57 7.86 -22.90
CA THR B 442 18.11 7.89 -22.89
C THR B 442 17.54 6.66 -23.59
N GLY B 443 18.25 6.12 -24.57
CA GLY B 443 17.81 4.91 -25.25
C GLY B 443 18.06 3.64 -24.48
N LEU B 444 18.66 3.73 -23.29
CA LEU B 444 18.88 2.58 -22.43
C LEU B 444 17.96 2.59 -21.22
N THR B 445 17.98 3.67 -20.44
CA THR B 445 17.28 3.74 -19.18
C THR B 445 16.15 4.76 -19.16
N ASP B 446 15.86 5.41 -20.29
CA ASP B 446 14.78 6.39 -20.41
C ASP B 446 14.99 7.60 -19.50
N ILE B 447 16.20 7.84 -19.03
CA ILE B 447 16.51 8.96 -18.14
C ILE B 447 17.32 9.97 -18.92
N ASN B 448 16.80 11.19 -19.03
CA ASN B 448 17.50 12.26 -19.74
C ASN B 448 18.38 13.02 -18.76
N MET B 449 19.69 12.97 -18.98
CA MET B 449 20.66 13.65 -18.13
C MET B 449 21.10 14.99 -18.70
N GLY B 450 20.33 15.56 -19.64
CA GLY B 450 20.77 16.76 -20.32
C GLY B 450 21.03 17.94 -19.38
N TYR B 451 20.18 18.11 -18.37
CA TYR B 451 20.41 19.19 -17.42
C TYR B 451 21.60 18.93 -16.52
N ASN B 452 22.05 17.69 -16.41
CA ASN B 452 23.27 17.39 -15.66
C ASN B 452 24.53 17.77 -16.44
N TYR B 453 24.49 17.64 -17.77
CA TYR B 453 25.59 18.15 -18.59
C TYR B 453 25.71 19.66 -18.45
N GLY B 454 24.59 20.36 -18.41
CA GLY B 454 24.62 21.82 -18.30
C GLY B 454 25.26 22.28 -17.01
N LYS B 455 25.02 21.55 -15.91
CA LYS B 455 25.65 21.90 -14.64
C LYS B 455 27.16 21.75 -14.70
N ILE B 456 27.66 20.69 -15.34
CA ILE B 456 29.09 20.51 -15.48
C ILE B 456 29.68 21.56 -16.41
N ALA B 457 29.02 21.82 -17.54
CA ALA B 457 29.51 22.84 -18.47
C ALA B 457 29.46 24.23 -17.84
N LEU B 458 28.44 24.50 -17.03
CA LEU B 458 28.37 25.78 -16.33
C LEU B 458 29.55 25.95 -15.40
N PHE B 459 29.90 24.90 -14.65
CA PHE B 459 31.05 24.97 -13.75
C PHE B 459 32.35 25.12 -14.54
N VAL B 460 32.50 24.37 -15.63
CA VAL B 460 33.75 24.40 -16.39
C VAL B 460 33.92 25.74 -17.09
N PHE B 461 32.86 26.23 -17.74
CA PHE B 461 32.98 27.48 -18.48
C PHE B 461 33.14 28.67 -17.54
N ALA B 462 32.59 28.59 -16.33
CA ALA B 462 32.84 29.64 -15.35
C ALA B 462 34.30 29.67 -14.92
N GLY B 463 34.95 28.50 -14.85
CA GLY B 463 36.37 28.44 -14.55
C GLY B 463 37.27 28.86 -15.67
N TRP B 464 36.78 28.86 -16.91
CA TRP B 464 37.54 29.34 -18.05
C TRP B 464 37.68 30.86 -18.06
N ALA B 465 36.94 31.57 -17.20
CA ALA B 465 37.05 33.00 -17.07
C ALA B 465 37.29 33.35 -15.61
N GLY B 466 37.98 34.47 -15.38
CA GLY B 466 38.31 34.90 -14.05
C GLY B 466 37.11 35.42 -13.28
N LYS B 467 37.40 36.23 -12.26
CA LYS B 467 36.33 36.86 -11.49
C LYS B 467 35.50 37.77 -12.40
N GLU B 468 36.16 38.54 -13.25
CA GLU B 468 35.46 39.30 -14.27
C GLU B 468 34.84 38.34 -15.29
N ASN B 469 33.67 38.75 -15.81
CA ASN B 469 32.90 38.06 -16.86
C ASN B 469 32.93 36.54 -16.75
N GLY B 470 32.84 36.02 -15.53
CA GLY B 470 32.87 34.59 -15.32
C GLY B 470 31.52 33.99 -14.96
N VAL B 471 30.73 34.70 -14.17
CA VAL B 471 29.43 34.19 -13.76
C VAL B 471 28.47 34.16 -14.95
N ILE B 472 28.42 35.24 -15.72
CA ILE B 472 27.56 35.29 -16.90
C ILE B 472 28.04 34.30 -17.95
N ALA B 473 29.36 34.21 -18.13
CA ALA B 473 29.91 33.27 -19.11
C ALA B 473 29.54 31.83 -18.76
N GLY B 474 29.61 31.48 -17.47
CA GLY B 474 29.21 30.14 -17.07
C GLY B 474 27.73 29.88 -17.26
N LEU B 475 26.89 30.87 -16.93
CA LEU B 475 25.45 30.69 -17.07
C LEU B 475 25.05 30.61 -18.54
N VAL B 476 25.57 31.52 -19.37
CA VAL B 476 25.19 31.53 -20.78
C VAL B 476 25.68 30.27 -21.48
N ALA B 477 26.94 29.89 -21.24
CA ALA B 477 27.47 28.68 -21.85
C ALA B 477 26.81 27.43 -21.30
N GLY B 478 26.34 27.48 -20.04
CA GLY B 478 25.59 26.36 -19.51
C GLY B 478 24.27 26.15 -20.21
N THR B 479 23.61 27.24 -20.65
CA THR B 479 22.37 27.12 -21.40
C THR B 479 22.62 26.49 -22.77
N LEU B 480 23.73 26.85 -23.42
CA LEU B 480 24.02 26.31 -24.74
C LEU B 480 24.23 24.80 -24.68
N VAL B 481 25.11 24.34 -23.80
CA VAL B 481 25.40 22.91 -23.71
C VAL B 481 24.16 22.14 -23.30
N LYS B 482 23.39 22.66 -22.34
CA LYS B 482 22.18 21.98 -21.91
C LYS B 482 21.14 21.87 -23.02
N GLN B 483 20.96 22.92 -23.83
CA GLN B 483 19.92 22.87 -24.85
C GLN B 483 20.22 21.86 -25.95
N LEU B 484 21.41 21.90 -26.54
CA LEU B 484 21.72 20.97 -27.63
C LEU B 484 21.79 19.53 -27.14
N VAL B 485 22.09 19.33 -25.87
CA VAL B 485 22.15 17.97 -25.33
C VAL B 485 20.76 17.48 -24.95
N LEU B 486 20.00 18.32 -24.23
CA LEU B 486 18.67 17.92 -23.78
C LEU B 486 17.71 17.78 -24.95
N ILE B 487 17.76 18.69 -25.92
CA ILE B 487 16.86 18.63 -27.06
C ILE B 487 17.07 17.37 -27.87
N SER B 488 18.34 16.98 -28.05
CA SER B 488 18.64 15.79 -28.85
C SER B 488 18.02 14.54 -28.23
N ALA B 489 18.14 14.38 -26.91
CA ALA B 489 17.67 13.15 -26.28
C ALA B 489 16.15 13.06 -26.22
N ASP B 490 15.48 14.16 -25.86
CA ASP B 490 14.02 14.13 -25.77
C ASP B 490 13.38 13.96 -27.14
N LEU B 491 14.04 14.43 -28.21
CA LEU B 491 13.46 14.36 -29.53
C LEU B 491 13.85 13.08 -30.27
N MET B 492 14.74 12.27 -29.70
CA MET B 492 14.88 10.89 -30.15
C MET B 492 13.77 10.01 -29.63
N GLN B 493 13.05 10.45 -28.59
CA GLN B 493 11.86 9.73 -28.13
C GLN B 493 10.81 9.68 -29.24
N ASP B 494 10.61 10.79 -29.94
CA ASP B 494 9.61 10.86 -30.99
C ASP B 494 10.03 10.12 -32.25
N PHE B 495 11.33 10.04 -32.53
CA PHE B 495 11.79 9.28 -33.69
C PHE B 495 11.58 7.79 -33.50
N LYS B 496 11.74 7.29 -32.27
CA LYS B 496 11.35 5.91 -31.97
C LYS B 496 9.85 5.73 -32.12
N THR B 497 9.06 6.72 -31.69
CA THR B 497 7.62 6.66 -31.88
C THR B 497 7.25 6.66 -33.35
N SER B 498 7.90 7.50 -34.15
CA SER B 498 7.63 7.53 -35.57
C SER B 498 8.07 6.25 -36.26
N TYR B 499 9.14 5.62 -35.76
CA TYR B 499 9.61 4.36 -36.33
C TYR B 499 8.56 3.26 -36.17
N LEU B 500 7.93 3.18 -35.00
CA LEU B 500 6.95 2.13 -34.76
C LEU B 500 5.58 2.45 -35.36
N THR B 501 5.28 3.73 -35.55
CA THR B 501 4.02 4.13 -36.16
C THR B 501 4.13 4.31 -37.67
N GLN B 502 5.28 4.00 -38.26
CA GLN B 502 5.50 4.08 -39.70
C GLN B 502 5.25 5.50 -40.21
N THR B 503 5.78 6.48 -39.49
CA THR B 503 5.73 7.87 -39.91
C THR B 503 6.99 8.23 -40.69
N SER B 504 6.80 9.04 -41.74
CA SER B 504 7.92 9.40 -42.60
C SER B 504 8.91 10.29 -41.84
N PRO B 505 10.20 9.94 -41.84
CA PRO B 505 11.19 10.81 -41.15
C PRO B 505 11.26 12.22 -41.71
N LYS B 506 10.99 12.38 -43.01
CA LYS B 506 11.01 13.72 -43.59
C LYS B 506 9.95 14.62 -42.98
N SER B 507 8.73 14.08 -42.78
CA SER B 507 7.68 14.88 -42.16
C SER B 507 7.95 15.10 -40.68
N MET B 508 8.68 14.19 -40.04
CA MET B 508 9.04 14.38 -38.63
C MET B 508 9.93 15.61 -38.46
N MET B 509 10.94 15.76 -39.31
CA MET B 509 11.86 16.89 -39.19
C MET B 509 11.17 18.22 -39.44
N ILE B 510 10.17 18.25 -40.34
CA ILE B 510 9.42 19.47 -40.54
C ILE B 510 8.66 19.85 -39.28
N ALA B 511 8.05 18.87 -38.62
CA ALA B 511 7.41 19.13 -37.33
C ALA B 511 8.43 19.49 -36.27
N GLN B 512 9.66 18.98 -36.37
CA GLN B 512 10.71 19.38 -35.46
C GLN B 512 11.00 20.87 -35.58
N VAL B 513 11.18 21.35 -36.82
CA VAL B 513 11.54 22.75 -37.03
C VAL B 513 10.36 23.66 -36.71
N VAL B 514 9.16 23.29 -37.16
CA VAL B 514 7.98 24.12 -36.91
C VAL B 514 7.70 24.20 -35.41
N GLY B 515 7.78 23.08 -34.72
CA GLY B 515 7.56 23.09 -33.28
C GLY B 515 8.60 23.91 -32.53
N THR B 516 9.86 23.78 -32.93
CA THR B 516 10.91 24.57 -32.30
C THR B 516 10.76 26.05 -32.63
N ALA B 517 10.34 26.36 -33.85
CA ALA B 517 10.17 27.76 -34.24
C ALA B 517 9.09 28.44 -33.40
N MET B 518 7.95 27.76 -33.19
CA MET B 518 6.92 28.32 -32.31
C MET B 518 7.39 28.37 -30.87
N GLY B 519 8.16 27.36 -30.44
CA GLY B 519 8.66 27.36 -29.07
C GLY B 519 9.57 28.54 -28.78
N CYS B 520 10.42 28.89 -29.75
CA CYS B 520 11.30 30.04 -29.60
C CYS B 520 10.57 31.37 -29.63
N ILE B 521 9.29 31.38 -30.00
CA ILE B 521 8.47 32.57 -30.02
C ILE B 521 7.52 32.61 -28.83
N VAL B 522 6.83 31.49 -28.56
CA VAL B 522 5.83 31.47 -27.51
C VAL B 522 6.47 31.60 -26.14
N SER B 523 7.53 30.84 -25.88
CA SER B 523 8.10 30.79 -24.53
C SER B 523 8.66 32.14 -24.07
N PRO B 524 9.43 32.88 -24.87
CA PRO B 524 9.76 34.25 -24.44
C PRO B 524 8.53 35.10 -24.14
N LEU B 525 7.49 34.98 -24.96
CA LEU B 525 6.28 35.77 -24.73
C LEU B 525 5.56 35.31 -23.47
N THR B 526 5.43 34.00 -23.28
CA THR B 526 4.78 33.48 -22.09
C THR B 526 5.54 33.87 -20.82
N PHE B 527 6.87 33.79 -20.87
CA PHE B 527 7.67 34.10 -19.68
C PHE B 527 7.52 35.56 -19.27
N MET B 528 7.53 36.48 -20.24
CA MET B 528 7.47 37.90 -19.90
C MET B 528 6.09 38.31 -19.42
N LEU B 529 5.03 37.66 -19.92
CA LEU B 529 3.70 37.92 -19.37
C LEU B 529 3.65 37.52 -17.90
N PHE B 530 4.25 36.37 -17.56
CA PHE B 530 4.41 36.02 -16.16
C PHE B 530 5.36 36.99 -15.45
N TYR B 531 6.44 37.38 -16.12
CA TYR B 531 7.45 38.22 -15.51
C TYR B 531 6.91 39.62 -15.20
N LYS B 532 6.23 40.23 -16.16
CA LYS B 532 5.74 41.59 -15.97
C LYS B 532 4.61 41.63 -14.94
N ALA B 533 3.68 40.67 -15.00
CA ALA B 533 2.49 40.75 -14.16
C ALA B 533 2.82 40.43 -12.70
N PHE B 534 3.62 39.40 -12.46
CA PHE B 534 3.90 38.92 -11.11
C PHE B 534 5.35 39.23 -10.74
N ASP B 535 5.73 38.79 -9.54
CA ASP B 535 7.06 39.02 -8.98
C ASP B 535 7.69 37.64 -8.76
N ILE B 536 8.61 37.27 -9.64
CA ILE B 536 9.29 35.98 -9.60
C ILE B 536 10.72 36.20 -9.13
N GLY B 537 11.18 35.35 -8.21
CA GLY B 537 12.51 35.43 -7.65
C GLY B 537 12.54 35.80 -6.18
N ASN B 538 11.40 36.12 -5.58
CA ASN B 538 11.37 36.48 -4.18
C ASN B 538 11.46 35.23 -3.31
N PRO B 539 12.47 35.10 -2.44
CA PRO B 539 12.55 33.91 -1.58
C PRO B 539 11.35 33.74 -0.68
N ASP B 540 10.72 34.82 -0.26
CA ASP B 540 9.53 34.77 0.61
C ASP B 540 8.35 35.29 -0.21
N GLY B 541 7.69 34.37 -0.92
CA GLY B 541 6.55 34.74 -1.75
C GLY B 541 6.03 33.53 -2.47
N THR B 542 5.01 33.77 -3.31
CA THR B 542 4.41 32.69 -4.08
C THR B 542 5.28 32.30 -5.26
N TRP B 543 5.62 33.27 -6.12
CA TRP B 543 6.44 33.01 -7.29
C TRP B 543 7.91 33.04 -6.89
N LYS B 544 8.35 31.93 -6.31
CA LYS B 544 9.76 31.76 -5.93
C LYS B 544 10.41 30.78 -6.89
N ALA B 545 11.55 31.17 -7.44
CA ALA B 545 12.32 30.33 -8.35
C ALA B 545 13.58 29.87 -7.64
N PRO B 546 13.54 28.77 -6.89
CA PRO B 546 14.72 28.36 -6.13
C PRO B 546 15.93 28.07 -6.99
N TYR B 547 15.74 27.50 -8.18
CA TYR B 547 16.87 27.11 -9.01
C TYR B 547 17.53 28.28 -9.72
N ALA B 548 16.88 29.45 -9.77
CA ALA B 548 17.53 30.63 -10.31
C ALA B 548 18.72 31.04 -9.44
N LEU B 549 18.55 31.00 -8.12
CA LEU B 549 19.65 31.29 -7.22
C LEU B 549 20.62 30.13 -7.10
N ILE B 550 20.13 28.89 -7.15
CA ILE B 550 21.01 27.73 -7.05
C ILE B 550 21.96 27.67 -8.24
N TYR B 551 21.44 27.90 -9.45
CA TYR B 551 22.30 27.93 -10.62
C TYR B 551 23.25 29.12 -10.59
N ARG B 552 22.81 30.24 -10.01
CA ARG B 552 23.70 31.39 -9.85
C ARG B 552 24.88 31.05 -8.94
N ASN B 553 24.62 30.31 -7.86
CA ASN B 553 25.69 29.97 -6.93
C ASN B 553 26.73 29.04 -7.53
N MET B 554 26.31 28.14 -8.44
CA MET B 554 27.28 27.28 -9.10
C MET B 554 28.26 28.09 -9.94
N ALA B 555 27.75 29.10 -10.66
CA ALA B 555 28.64 29.97 -11.42
C ALA B 555 29.56 30.78 -10.50
N ILE B 556 29.02 31.25 -9.37
CA ILE B 556 29.84 31.97 -8.40
C ILE B 556 30.89 31.04 -7.81
N LEU B 557 30.50 29.79 -7.51
CA LEU B 557 31.48 28.82 -7.07
C LEU B 557 32.40 28.40 -8.20
N GLY B 558 31.92 28.48 -9.44
CA GLY B 558 32.67 28.00 -10.59
C GLY B 558 33.72 28.94 -11.14
N VAL B 559 33.71 30.21 -10.75
CA VAL B 559 34.72 31.14 -11.25
C VAL B 559 36.10 30.73 -10.76
N GLU B 560 36.18 30.23 -9.53
CA GLU B 560 37.38 29.56 -9.07
C GLU B 560 37.55 28.24 -9.81
N GLY B 561 38.80 27.87 -10.07
CA GLY B 561 39.08 26.73 -10.92
C GLY B 561 38.73 25.39 -10.32
N PHE B 562 39.38 24.34 -10.80
CA PHE B 562 39.13 22.99 -10.30
C PHE B 562 39.71 22.76 -8.92
N SER B 563 40.28 23.78 -8.28
CA SER B 563 40.81 23.63 -6.94
C SER B 563 39.70 23.50 -5.90
N VAL B 564 38.54 24.09 -6.16
CA VAL B 564 37.43 24.03 -5.21
C VAL B 564 36.81 22.64 -5.14
N LEU B 565 37.10 21.76 -6.09
CA LEU B 565 36.58 20.42 -6.03
C LEU B 565 37.16 19.68 -4.82
N PRO B 566 36.40 18.75 -4.24
CA PRO B 566 36.90 18.03 -3.07
C PRO B 566 38.14 17.22 -3.38
N LYS B 567 38.80 16.78 -2.32
CA LYS B 567 40.08 16.11 -2.46
C LYS B 567 39.91 14.77 -3.16
N TYR B 568 40.83 14.46 -4.08
CA TYR B 568 40.82 13.26 -4.92
C TYR B 568 39.60 13.19 -5.84
N CYS B 569 38.91 14.31 -6.08
CA CYS B 569 37.74 14.25 -6.94
C CYS B 569 38.12 13.94 -8.39
N ILE B 570 39.18 14.56 -8.90
CA ILE B 570 39.60 14.30 -10.26
C ILE B 570 40.20 12.90 -10.40
N VAL B 571 40.95 12.47 -9.39
CA VAL B 571 41.62 11.17 -9.47
C VAL B 571 40.60 10.05 -9.57
N ILE B 572 39.55 10.10 -8.74
CA ILE B 572 38.52 9.07 -8.78
C ILE B 572 37.72 9.17 -10.07
N SER B 573 37.44 10.39 -10.54
CA SER B 573 36.72 10.55 -11.79
C SER B 573 37.53 10.00 -12.96
N GLY B 574 38.84 10.25 -12.98
CA GLY B 574 39.66 9.68 -14.03
C GLY B 574 39.72 8.17 -13.99
N GLY B 575 39.71 7.60 -12.78
CA GLY B 575 39.67 6.16 -12.66
C GLY B 575 38.40 5.55 -13.20
N PHE B 576 37.26 6.21 -12.94
CA PHE B 576 35.99 5.74 -13.47
C PHE B 576 35.85 5.99 -14.97
N PHE B 577 36.50 7.03 -15.49
CA PHE B 577 36.53 7.24 -16.93
C PHE B 577 37.24 6.08 -17.63
N ALA B 578 38.38 5.66 -17.08
CA ALA B 578 39.11 4.53 -17.65
C ALA B 578 38.34 3.23 -17.46
N PHE B 579 37.73 3.04 -16.28
CA PHE B 579 36.99 1.83 -16.01
C PHE B 579 35.78 1.70 -16.95
N ALA B 580 35.12 2.82 -17.22
CA ALA B 580 34.01 2.80 -18.17
C ALA B 580 34.48 2.42 -19.57
N ALA B 581 35.65 2.94 -19.98
CA ALA B 581 36.18 2.60 -21.29
C ALA B 581 36.57 1.13 -21.39
N ILE B 582 37.12 0.57 -20.32
CA ILE B 582 37.56 -0.83 -20.34
C ILE B 582 36.37 -1.75 -20.57
N LEU B 583 35.24 -1.48 -19.90
CA LEU B 583 34.05 -2.30 -20.12
C LEU B 583 33.59 -2.22 -21.58
N SER B 584 33.63 -1.02 -22.17
CA SER B 584 33.29 -0.89 -23.58
C SER B 584 34.27 -1.65 -24.46
N ILE B 585 35.56 -1.60 -24.12
CA ILE B 585 36.54 -2.45 -24.80
C ILE B 585 36.22 -3.92 -24.57
N THR B 586 35.95 -4.29 -23.33
CA THR B 586 35.79 -5.71 -22.99
C THR B 586 34.55 -6.31 -23.64
N ARG B 587 33.45 -5.56 -23.70
CA ARG B 587 32.21 -6.05 -24.28
C ARG B 587 32.33 -6.33 -25.78
N ASP B 588 33.05 -5.48 -26.52
CA ASP B 588 33.10 -5.61 -27.97
C ASP B 588 34.23 -6.49 -28.46
N VAL B 589 35.05 -7.05 -27.57
CA VAL B 589 36.21 -7.82 -28.01
C VAL B 589 35.97 -9.31 -27.81
N MET B 590 35.19 -9.66 -26.79
CA MET B 590 34.94 -11.08 -26.53
C MET B 590 33.88 -11.62 -27.49
N PRO B 591 33.80 -12.94 -27.63
CA PRO B 591 32.67 -13.52 -28.36
C PRO B 591 31.34 -13.21 -27.69
N HIS B 592 30.28 -13.23 -28.47
CA HIS B 592 28.96 -12.84 -27.98
C HIS B 592 28.47 -13.71 -26.84
N LYS B 593 28.97 -14.95 -26.74
CA LYS B 593 28.52 -15.86 -25.69
C LYS B 593 29.21 -15.60 -24.35
N TYR B 594 30.15 -14.64 -24.30
CA TYR B 594 30.52 -13.98 -23.05
C TYR B 594 30.14 -12.51 -23.01
N ALA B 595 29.86 -11.88 -24.15
CA ALA B 595 29.70 -10.44 -24.19
C ALA B 595 28.38 -9.96 -23.61
N LYS B 596 27.41 -10.86 -23.43
CA LYS B 596 26.11 -10.44 -22.91
C LYS B 596 26.07 -10.32 -21.39
N TYR B 597 27.13 -10.75 -20.70
CA TYR B 597 27.22 -10.58 -19.25
C TYR B 597 27.95 -9.31 -18.85
N VAL B 598 28.44 -8.52 -19.79
CA VAL B 598 29.21 -7.32 -19.48
C VAL B 598 28.25 -6.19 -19.13
N PRO B 599 28.35 -5.60 -17.93
CA PRO B 599 27.47 -4.48 -17.58
C PRO B 599 27.75 -3.25 -18.44
N LEU B 600 26.70 -2.48 -18.69
CA LEU B 600 26.79 -1.29 -19.52
C LEU B 600 27.27 -0.11 -18.68
N PRO B 601 28.38 0.54 -19.05
CA PRO B 601 28.95 1.58 -18.17
C PRO B 601 28.04 2.75 -17.88
N MET B 602 27.24 3.21 -18.85
CA MET B 602 26.42 4.39 -18.61
C MET B 602 25.00 4.05 -18.16
N ALA B 603 24.59 2.78 -18.19
CA ALA B 603 23.44 2.37 -17.42
C ALA B 603 23.79 2.33 -15.93
N MET B 604 25.05 2.06 -15.62
CA MET B 604 25.54 2.15 -14.25
C MET B 604 25.54 3.58 -13.73
N ALA B 605 25.80 4.55 -14.61
CA ALA B 605 26.03 5.92 -14.16
C ALA B 605 24.76 6.66 -13.79
N VAL B 606 23.60 6.18 -14.24
CA VAL B 606 22.35 6.86 -13.90
C VAL B 606 22.07 6.86 -12.40
N PRO B 607 22.18 5.74 -11.68
CA PRO B 607 21.95 5.79 -10.22
C PRO B 607 23.06 6.46 -9.44
N PHE B 608 24.06 7.06 -10.08
CA PHE B 608 25.07 7.80 -9.34
C PHE B 608 24.54 9.14 -8.85
N LEU B 609 23.62 9.75 -9.59
CA LEU B 609 22.99 11.00 -9.19
C LEU B 609 21.61 10.79 -8.56
N VAL B 610 20.74 10.04 -9.24
CA VAL B 610 19.48 9.64 -8.61
C VAL B 610 19.73 8.48 -7.66
N GLY B 611 18.74 8.17 -6.85
CA GLY B 611 18.89 7.12 -5.86
C GLY B 611 18.84 5.74 -6.48
N GLY B 612 19.01 4.73 -5.63
CA GLY B 612 18.90 3.35 -6.02
C GLY B 612 17.48 2.84 -6.09
N SER B 613 16.50 3.66 -5.74
CA SER B 613 15.10 3.26 -5.88
C SER B 613 14.74 3.07 -7.35
N PHE B 614 15.26 3.93 -8.22
CA PHE B 614 15.03 3.77 -9.65
C PHE B 614 15.62 2.45 -10.16
N ALA B 615 16.79 2.07 -9.63
CA ALA B 615 17.38 0.79 -9.99
C ALA B 615 16.52 -0.38 -9.52
N ILE B 616 15.97 -0.29 -8.31
CA ILE B 616 15.15 -1.37 -7.78
C ILE B 616 13.87 -1.52 -8.58
N ASP B 617 13.25 -0.40 -8.95
CA ASP B 617 12.02 -0.46 -9.75
C ASP B 617 12.27 -1.10 -11.11
N MET B 618 13.38 -0.75 -11.76
CA MET B 618 13.70 -1.33 -13.06
C MET B 618 13.93 -2.83 -12.95
N CYS B 619 14.62 -3.27 -11.89
CA CYS B 619 14.88 -4.69 -11.71
C CYS B 619 13.60 -5.46 -11.38
N LEU B 620 12.66 -4.83 -10.67
CA LEU B 620 11.37 -5.48 -10.43
C LEU B 620 10.62 -5.71 -11.74
N GLY B 621 10.70 -4.74 -12.66
CA GLY B 621 10.09 -4.93 -13.96
C GLY B 621 10.72 -6.08 -14.74
N SER B 622 12.05 -6.20 -14.67
CA SER B 622 12.71 -7.32 -15.32
C SER B 622 12.36 -8.64 -14.65
N LEU B 623 12.18 -8.64 -13.33
CA LEU B 623 11.77 -9.85 -12.63
C LEU B 623 10.38 -10.30 -13.07
N ILE B 624 9.46 -9.35 -13.29
CA ILE B 624 8.12 -9.68 -13.75
C ILE B 624 8.18 -10.33 -15.12
N VAL B 625 8.98 -9.78 -16.03
CA VAL B 625 9.10 -10.34 -17.36
C VAL B 625 9.78 -11.71 -17.31
N PHE B 626 10.80 -11.85 -16.47
CA PHE B 626 11.48 -13.14 -16.34
C PHE B 626 10.53 -14.23 -15.86
N ALA B 627 9.71 -13.92 -14.85
CA ALA B 627 8.74 -14.90 -14.38
C ALA B 627 7.64 -15.14 -15.41
N TRP B 628 7.18 -14.08 -16.07
CA TRP B 628 6.12 -14.21 -17.06
C TRP B 628 6.57 -15.07 -18.24
N THR B 629 7.82 -14.89 -18.70
CA THR B 629 8.31 -15.66 -19.83
C THR B 629 8.38 -17.15 -19.49
N LYS B 630 8.85 -17.49 -18.28
CA LYS B 630 8.92 -18.89 -17.89
C LYS B 630 7.53 -19.52 -17.79
N ILE B 631 6.58 -18.79 -17.20
CA ILE B 631 5.23 -19.34 -17.01
C ILE B 631 4.55 -19.55 -18.36
N ASN B 632 4.61 -18.55 -19.23
CA ASN B 632 3.95 -18.62 -20.54
C ASN B 632 4.82 -17.89 -21.55
N LYS B 633 5.61 -18.66 -22.32
CA LYS B 633 6.50 -18.06 -23.31
C LYS B 633 5.72 -17.34 -24.40
N LYS B 634 4.61 -17.93 -24.85
CA LYS B 634 3.90 -17.40 -26.01
C LYS B 634 3.20 -16.08 -25.66
N GLU B 635 2.50 -16.04 -24.54
CA GLU B 635 1.74 -14.84 -24.18
C GLU B 635 2.67 -13.67 -23.84
N ALA B 636 3.77 -13.96 -23.14
CA ALA B 636 4.70 -12.90 -22.77
C ALA B 636 5.41 -12.29 -23.98
N GLY B 637 5.34 -12.95 -25.14
CA GLY B 637 6.00 -12.42 -26.32
C GLY B 637 5.38 -11.13 -26.81
N PHE B 638 4.04 -11.07 -26.84
CA PHE B 638 3.34 -9.93 -27.40
C PHE B 638 2.53 -9.14 -26.38
N MET B 639 2.40 -9.62 -25.15
CA MET B 639 1.66 -8.89 -24.13
C MET B 639 2.54 -8.08 -23.19
N VAL B 640 3.83 -8.40 -23.10
CA VAL B 640 4.73 -7.60 -22.27
C VAL B 640 4.82 -6.15 -22.73
N PRO B 641 5.02 -5.85 -24.03
CA PRO B 641 5.04 -4.44 -24.43
C PRO B 641 3.72 -3.71 -24.18
N ALA B 642 2.58 -4.39 -24.29
CA ALA B 642 1.31 -3.73 -24.05
C ALA B 642 1.10 -3.42 -22.57
N VAL B 643 1.44 -4.38 -21.70
CA VAL B 643 1.30 -4.16 -20.27
C VAL B 643 2.29 -3.10 -19.79
N ALA B 644 3.53 -3.16 -20.26
CA ALA B 644 4.53 -2.18 -19.85
C ALA B 644 4.15 -0.77 -20.30
N SER B 645 3.65 -0.64 -21.53
CA SER B 645 3.24 0.66 -22.02
C SER B 645 2.07 1.21 -21.23
N ALA B 646 1.13 0.35 -20.83
CA ALA B 646 -0.01 0.80 -20.04
C ALA B 646 0.44 1.33 -18.68
N LEU B 647 1.42 0.67 -18.06
CA LEU B 647 1.93 1.14 -16.78
C LEU B 647 2.60 2.51 -16.94
N ILE B 648 3.38 2.68 -18.01
CA ILE B 648 4.03 3.96 -18.25
C ILE B 648 3.00 5.03 -18.60
N CYS B 649 2.05 4.71 -19.48
CA CYS B 649 1.07 5.68 -19.92
C CYS B 649 0.14 6.09 -18.78
N GLY B 650 -0.27 5.12 -17.96
CA GLY B 650 -1.18 5.44 -16.87
C GLY B 650 -0.60 6.44 -15.89
N ASP B 651 0.66 6.25 -15.50
CA ASP B 651 1.33 7.24 -14.66
C ASP B 651 1.61 8.51 -15.43
N GLY B 652 1.90 8.40 -16.73
CA GLY B 652 2.16 9.58 -17.53
C GLY B 652 0.92 10.44 -17.73
N ILE B 653 -0.24 9.81 -17.89
CA ILE B 653 -1.47 10.56 -18.10
C ILE B 653 -1.85 11.34 -16.85
N TRP B 654 -1.71 10.72 -15.67
CA TRP B 654 -2.05 11.40 -14.43
C TRP B 654 -1.19 12.63 -14.18
N THR B 655 -0.02 12.71 -14.81
CA THR B 655 0.85 13.87 -14.63
C THR B 655 0.18 15.16 -15.09
N PHE B 656 -0.79 15.06 -16.03
CA PHE B 656 -1.48 16.26 -16.48
C PHE B 656 -2.46 16.79 -15.42
N PRO B 657 -3.42 16.01 -14.91
CA PRO B 657 -4.27 16.54 -13.83
C PRO B 657 -3.50 16.93 -12.58
N ALA B 658 -2.41 16.22 -12.27
CA ALA B 658 -1.60 16.59 -11.11
C ALA B 658 -0.96 17.97 -11.29
N SER B 659 -0.56 18.30 -12.51
CA SER B 659 0.00 19.61 -12.78
C SER B 659 -1.06 20.70 -12.67
N ILE B 660 -2.28 20.41 -13.09
CA ILE B 660 -3.37 21.39 -12.97
C ILE B 660 -3.69 21.64 -11.50
N LEU B 661 -3.64 20.60 -10.68
CA LEU B 661 -3.88 20.78 -9.24
C LEU B 661 -2.82 21.68 -8.62
N ALA B 662 -1.55 21.49 -8.98
CA ALA B 662 -0.50 22.38 -8.52
C ALA B 662 -0.63 23.76 -9.14
N LEU B 663 -1.19 23.84 -10.35
CA LEU B 663 -1.41 25.13 -10.98
C LEU B 663 -2.42 25.97 -10.19
N ALA B 664 -3.46 25.32 -9.66
CA ALA B 664 -4.47 25.98 -8.86
C ALA B 664 -4.14 26.00 -7.37
N LYS B 665 -2.96 25.52 -7.00
CA LYS B 665 -2.50 25.51 -5.60
C LYS B 665 -3.42 24.66 -4.72
N ILE B 666 -3.68 23.43 -5.18
CA ILE B 666 -4.46 22.45 -4.42
C ILE B 666 -3.46 21.40 -3.95
N LYS B 667 -3.06 21.49 -2.69
CA LYS B 667 -2.06 20.62 -2.09
C LYS B 667 -2.71 19.34 -1.55
N PRO B 668 -1.96 18.23 -1.51
CA PRO B 668 -2.49 16.99 -0.96
C PRO B 668 -2.88 17.17 0.50
N PRO B 669 -3.95 16.52 0.95
CA PRO B 669 -4.46 16.75 2.31
C PRO B 669 -3.70 15.99 3.39
N ILE B 670 -3.18 14.82 3.05
CA ILE B 670 -2.57 13.92 4.03
C ILE B 670 -1.11 13.71 3.69
N CYS B 671 -0.30 13.49 4.71
CA CYS B 671 1.13 13.21 4.57
C CYS B 671 1.44 11.91 5.30
N MET B 672 1.79 10.88 4.54
CA MET B 672 2.08 9.55 5.09
C MET B 672 3.54 9.50 5.50
N LYS B 673 3.80 9.73 6.79
CA LYS B 673 5.15 9.74 7.33
C LYS B 673 5.51 8.37 7.90
N PHE B 674 6.80 8.07 7.89
CA PHE B 674 7.35 6.85 8.47
C PHE B 674 8.35 7.24 9.54
N LEU B 675 8.18 6.67 10.74
CA LEU B 675 9.01 7.02 11.88
C LEU B 675 9.57 5.76 12.53
N PRO B 676 10.74 5.85 13.20
CA PRO B 676 11.36 4.67 13.79
C PRO B 676 10.73 4.22 15.10
N ALA B 677 9.40 4.06 15.10
CA ALA B 677 8.64 3.60 16.25
C ALA B 677 8.92 4.46 17.49
N ALA B 678 8.98 5.77 17.27
CA ALA B 678 9.26 6.72 18.35
C ALA B 678 8.03 6.90 19.24
CAA Y01 C . -16.63 -0.78 -0.61
CBA Y01 C . -17.95 -0.20 -0.13
CAB Y01 C . -18.77 0.35 -1.30
CAN Y01 C . -17.80 0.86 0.98
CAJ Y01 C . -17.58 2.31 0.52
CAO Y01 C . -18.19 3.30 1.51
CBB Y01 C . -17.62 4.75 1.34
CAC Y01 C . -17.35 5.04 -0.13
CBE Y01 C . -18.61 5.76 2.01
CAP Y01 C . -19.98 5.06 2.33
CAQ Y01 C . -20.41 5.56 3.72
CBG Y01 C . -19.66 6.86 3.81
CBI Y01 C . -18.25 6.46 3.34
CAE Y01 C . -17.56 5.54 4.34
CAU Y01 C . -17.48 7.78 3.19
CAS Y01 C . -17.50 8.67 4.45
CBF Y01 C . -18.90 8.92 5.06
CBD Y01 C . -19.65 7.59 5.15
CAK Y01 C . -21.07 7.85 5.57
CAI Y01 C . -21.18 8.67 6.70
CAZ Y01 C . -20.19 9.52 7.17
CAV Y01 C . -20.58 10.26 8.38
CBH Y01 C . -18.89 9.62 6.46
CAD Y01 C . -17.78 9.07 7.35
CAT Y01 C . -18.66 11.13 6.32
CAR Y01 C . -18.66 11.85 7.68
CBC Y01 C . -20.00 11.68 8.44
OAW Y01 C . -19.86 11.86 9.84
CAY Y01 C . -19.93 13.14 10.29
OAG Y01 C . -20.92 13.74 9.83
CAM Y01 C . -18.94 13.70 11.23
CAL Y01 C . -19.45 13.77 12.67
CAX Y01 C . -18.49 14.59 13.56
OAH Y01 C . -18.29 15.79 13.23
OAF Y01 C . -18.00 13.99 14.54
FE FE D . -10.76 -10.83 26.87
N1 5ZS E . -10.75 -10.52 24.45
C2 5ZS E . -11.64 -11.32 23.88
C3 5ZS E . -10.76 -12.52 23.11
C4 5ZS E . -9.70 -11.92 22.64
C5 5ZS E . -9.39 -10.77 23.70
C6 5ZS E . -11.16 -9.12 24.24
C1 5ZS E . -12.51 -11.94 24.91
C10 5ZS E . -8.84 -9.13 28.19
C11 5ZS E . -7.93 -10.30 28.61
C12 5ZS E . -8.49 -11.68 28.18
C13 5ZS E . -9.69 -12.02 29.02
C7 5ZS E . -10.11 -8.14 24.84
C8 5ZS E . -10.10 -8.16 26.37
C9 5ZS E . -11.52 -8.20 26.87
N2 5ZS E . -9.37 -9.35 26.83
O1 5ZS E . -12.32 -11.72 26.12
O2 5ZS E . -13.44 -12.71 24.55
O3 5ZS E . -11.97 -9.23 27.44
O4 5ZS E . -12.27 -7.19 26.72
O5 5ZS E . -10.84 -11.70 28.63
O6 5ZS E . -9.53 -12.62 30.11
O7 5ZS E . -8.88 -11.64 26.83
CAA Y01 F . -11.28 3.11 -6.90
CBA Y01 F . -12.49 4.03 -7.08
CAB Y01 F . -12.79 4.26 -8.56
CAN Y01 F . -12.38 5.37 -6.33
CAJ Y01 F . -11.24 5.52 -5.31
CAO Y01 F . -11.76 5.87 -3.92
CBB Y01 F . -12.11 7.37 -3.77
CAC Y01 F . -13.63 7.52 -3.73
CBE Y01 F . -11.39 7.90 -2.51
CAP Y01 F . -9.89 7.44 -2.54
CAQ Y01 F . -9.06 8.59 -1.93
CBG Y01 F . -10.12 9.38 -1.22
CBI Y01 F . -11.25 9.42 -2.24
CAE Y01 F . -10.87 10.22 -3.49
CAU Y01 F . -12.44 10.06 -1.53
CAS Y01 F . -12.13 11.43 -0.91
CBF Y01 F . -10.91 11.44 0.02
CBD Y01 F . -9.73 10.78 -0.71
CAK Y01 F . -8.56 10.63 0.25
CAI Y01 F . -8.34 11.74 1.09
CAZ Y01 F . -9.21 12.81 1.25
CAV Y01 F . -8.71 13.82 2.19
CBH Y01 F . -10.49 12.85 0.50
CAD Y01 F . -10.36 13.83 -0.65
CAT Y01 F . -11.54 13.39 1.48
CAR Y01 F . -11.11 14.64 2.26
CBC Y01 F . -9.84 14.36 3.06
OAW Y01 F . -9.25 15.53 3.64
CAY Y01 F . -8.89 15.43 4.95
OAG Y01 F . -9.83 15.76 5.70
CAM Y01 F . -7.55 15.02 5.37
CAL Y01 F . -7.07 15.71 6.64
CAX Y01 F . -7.06 17.25 6.48
OAH Y01 F . -7.26 17.92 7.52
OAF Y01 F . -6.85 17.68 5.34
CAA Y01 G . 8.27 -10.74 -1.01
CBA Y01 G . 9.56 -11.42 -0.60
CAB Y01 G . 9.36 -12.93 -0.44
CAN Y01 G . 10.22 -10.83 0.66
CAJ Y01 G . 9.67 -9.49 1.19
CAO Y01 G . 10.75 -8.42 1.27
CBB Y01 G . 11.64 -8.57 2.52
CAC Y01 G . 13.01 -9.08 2.10
CBE Y01 G . 11.67 -7.20 3.24
CAP Y01 G . 10.21 -6.65 3.36
CAQ Y01 G . 10.12 -5.91 4.71
CBG Y01 G . 11.58 -5.70 5.04
CBI Y01 G . 12.19 -7.05 4.70
CAE Y01 G . 11.68 -8.17 5.62
CAU Y01 G . 13.70 -6.89 4.83
CAS Y01 G . 14.15 -6.34 6.19
CBF Y01 G . 13.44 -5.04 6.62
CBD Y01 G . 11.93 -5.24 6.46
CAK Y01 G . 11.22 -3.91 6.72
CAI Y01 G . 11.73 -3.18 7.80
CAZ Y01 G . 12.91 -3.45 8.48
CAV Y01 G . 13.19 -2.50 9.56
CBH Y01 G . 13.76 -4.60 8.07
CAD Y01 G . 13.57 -5.72 9.07
CAT Y01 G . 15.21 -4.12 8.15
CAR Y01 G . 15.57 -3.37 9.44
CBC Y01 G . 14.67 -2.15 9.62
OAW Y01 G . 14.79 -1.53 10.90
CAY Y01 G . 14.93 -0.17 10.90
OAG Y01 G . 16.14 0.16 10.83
CAM Y01 G . 13.79 0.74 10.99
CAL Y01 G . 14.09 2.02 11.77
CAX Y01 G . 14.56 1.71 13.20
OAH Y01 G . 15.36 2.54 13.72
OAF Y01 G . 14.11 0.68 13.72
CAA Y01 H . 13.80 -6.38 -6.82
CBA Y01 H . 15.31 -6.46 -6.78
CAB Y01 H . 15.78 -7.89 -6.54
CAN Y01 H . 15.97 -5.48 -5.78
CAJ Y01 H . 16.12 -5.99 -4.34
CAO Y01 H . 17.37 -5.39 -3.68
CBB Y01 H . 17.33 -5.49 -2.12
CAC Y01 H . 16.65 -6.80 -1.70
CBE Y01 H . 18.78 -5.33 -1.56
CAP Y01 H . 19.83 -5.44 -2.73
CAQ Y01 H . 20.89 -4.35 -2.47
CBG Y01 H . 20.73 -4.15 -0.98
CBI Y01 H . 19.21 -4.04 -0.83
CAE Y01 H . 18.65 -2.77 -1.46
CAU Y01 H . 18.96 -4.04 0.69
CAS Y01 H . 19.75 -2.97 1.47
CBF Y01 H . 21.27 -2.93 1.16
CBD Y01 H . 21.48 -2.97 -0.36
CAK Y01 H . 22.94 -3.11 -0.65
CAI Y01 H . 23.75 -2.18 0.04
CAZ Y01 H . 23.37 -1.49 1.17
CAV Y01 H . 24.41 -0.58 1.67
CBH Y01 H . 22.03 -1.70 1.76
CAD Y01 H . 21.20 -0.43 1.63
CAT Y01 H . 22.31 -1.91 3.25
CAR Y01 H . 23.07 -0.72 3.88
CBC Y01 H . 24.43 -0.46 3.20
OAW Y01 H . 24.90 0.86 3.37
CAY Y01 H . 25.57 1.13 4.52
OAG Y01 H . 26.47 0.28 4.73
CAM Y01 H . 25.27 2.29 5.37
CAL Y01 H . 26.26 3.44 5.20
CAX Y01 H . 26.05 4.52 6.28
OAH Y01 H . 26.18 4.16 7.48
OAF Y01 H . 25.77 5.67 5.87
FE FE I . 15.30 22.30 -14.96
N1 5ZS J . 14.51 20.02 -14.59
C2 5ZS J . 14.78 19.26 -15.64
C3 5ZS J . 13.31 18.97 -16.41
C4 5ZS J . 12.44 18.85 -15.44
C5 5ZS J . 12.97 19.83 -14.30
C6 5ZS J . 15.28 19.53 -13.43
C1 5ZS J . 15.69 19.97 -16.57
C10 5ZS J . 14.74 24.02 -12.73
C11 5ZS J . 13.69 24.86 -13.49
C12 5ZS J . 13.53 24.40 -14.97
C13 5ZS J . 14.74 24.80 -15.75
C7 5ZS J . 14.94 20.35 -12.15
C8 5ZS J . 15.49 21.78 -12.22
C9 5ZS J . 16.89 21.75 -12.80
N2 5ZS J . 14.61 22.60 -13.08
O1 5ZS J . 16.05 21.14 -16.34
O2 5ZS J . 16.08 19.38 -17.61
O3 5ZS J . 17.12 22.23 -13.94
O4 5ZS J . 17.83 21.24 -12.14
O5 5ZS J . 15.71 24.00 -15.87
O6 5ZS J . 14.80 25.93 -16.29
O7 5ZS J . 13.39 23.01 -15.02
#